data_8H62
#
_entry.id   8H62
#
_cell.length_a   55.350
_cell.length_b   69.580
_cell.length_c   72.490
_cell.angle_alpha   101.480
_cell.angle_beta   97.770
_cell.angle_gamma   105.990
#
_symmetry.space_group_name_H-M   'P 1'
#
loop_
_entity.id
_entity.type
_entity.pdbx_description
1 polymer 'Internalin A'
2 polymer Cadherin-1
3 non-polymer 'CALCIUM ION'
4 non-polymer 'ACETATE ION'
5 water water
#
loop_
_entity_poly.entity_id
_entity_poly.type
_entity_poly.pdbx_seq_one_letter_code
_entity_poly.pdbx_strand_id
1 'polypeptide(L)'
;SATITQDTPINQIFTDTALAEKMKTVLGKTNVTDTVSQTDLDQVTTLQADRLGIKSIDGVEYLNNLTQINFSNNQLTDIT
PLKNLTKLVDILMNNNQIADITPLANLTNLTGLTLFNNQITDIDPLKNLTNLNRLELSSNTISDISALSGLTSLQQLSFG
NQVTDLKPLANLTTLERLDISSNKVSDISVLAKLTNLESLIATNNQISDITPLGILTNLDELSLNGNQLKDIGTLASLTN
LTDLDLANNQISNLAPLSGLTKLTELKLGANQISNISPLAGLTALTNLELNENQLEDISPISNLKNLTYLTLYFNNISDI
SPVSSLTKLQRLFFYNNKVSDVSSLANLTNINWLSAGHNQISDLTPLANLTRITQLGLNDQAWTNAPVNYKANVSIPNTV
KNVTGALIAPATISDGGSYTEPDITWNLPSYTNEVSYTFSQPVTIGKGTTTFSGTVTQPLKA
;
A
2 'polypeptide(L)'
;DWVIPPISSPENEKGPFPKNLVQIKSNKDKEGKVFYSITGQGADTPPVGVFIIERETGWLKVTEPLDRERIATYTLFSHA
VSSNGNAVEDPMEILITVTDQNDNKPEFTQEVFKGSVMEGALPGTSVMEVTATDADDDVNTYNAAIAYTILSQDPELPDK
NMFTINRNTGVISVVTTGLDRESFPTYTLVVQAADLQGEGLSTTATAVITVTD
;
B
#
loop_
_chem_comp.id
_chem_comp.type
_chem_comp.name
_chem_comp.formula
ACT non-polymer 'ACETATE ION' 'C2 H3 O2 -1'
CA non-polymer 'CALCIUM ION' 'Ca 2'
#
# COMPACT_ATOMS: atom_id res chain seq x y z
N SER A 1 6.22 -26.02 34.07
CA SER A 1 4.94 -25.26 34.14
C SER A 1 4.98 -24.30 35.32
N ALA A 2 4.41 -23.11 35.12
CA ALA A 2 4.00 -22.26 36.23
C ALA A 2 2.58 -22.66 36.63
N THR A 3 2.26 -22.53 37.92
CA THR A 3 0.92 -22.78 38.41
C THR A 3 0.58 -21.83 39.55
N ILE A 4 -0.65 -21.30 39.51
CA ILE A 4 -1.22 -20.60 40.65
C ILE A 4 -1.46 -21.64 41.75
N THR A 5 -1.29 -21.23 43.00
CA THR A 5 -1.22 -22.17 44.13
C THR A 5 -2.64 -22.64 44.52
N GLN A 6 -3.68 -21.95 44.01
CA GLN A 6 -5.08 -22.29 44.19
C GLN A 6 -5.92 -21.44 43.24
N ASP A 7 -7.24 -21.64 43.26
CA ASP A 7 -8.13 -20.83 42.43
C ASP A 7 -8.03 -19.36 42.86
N THR A 8 -7.79 -18.45 41.90
CA THR A 8 -7.44 -17.07 42.22
C THR A 8 -8.23 -16.08 41.36
N PRO A 9 -8.76 -14.96 41.95
CA PRO A 9 -9.33 -13.88 41.15
C PRO A 9 -8.46 -13.52 39.95
N ILE A 10 -9.10 -13.37 38.78
CA ILE A 10 -8.43 -13.01 37.56
C ILE A 10 -7.60 -11.74 37.78
N ASN A 11 -8.15 -10.77 38.53
CA ASN A 11 -7.51 -9.47 38.69
C ASN A 11 -6.36 -9.52 39.70
N GLN A 12 -6.19 -10.65 40.40
CA GLN A 12 -5.00 -10.85 41.22
C GLN A 12 -3.93 -11.64 40.47
N ILE A 13 -4.28 -12.19 39.30
CA ILE A 13 -3.32 -12.87 38.45
C ILE A 13 -2.75 -11.88 37.45
N PHE A 14 -3.66 -11.22 36.69
CA PHE A 14 -3.35 -10.18 35.73
C PHE A 14 -3.53 -8.82 36.40
N THR A 15 -2.41 -8.22 36.84
CA THR A 15 -2.45 -7.00 37.62
C THR A 15 -2.73 -5.79 36.72
N ASP A 16 -2.55 -5.93 35.41
CA ASP A 16 -2.98 -4.88 34.49
C ASP A 16 -4.51 -4.89 34.38
N THR A 17 -5.14 -3.71 34.57
CA THR A 17 -6.59 -3.53 34.50
C THR A 17 -7.12 -3.98 33.14
N ALA A 18 -6.47 -3.51 32.06
CA ALA A 18 -6.92 -3.77 30.70
C ALA A 18 -6.70 -5.23 30.34
N LEU A 19 -5.57 -5.82 30.79
CA LEU A 19 -5.32 -7.23 30.48
C LEU A 19 -6.27 -8.13 31.27
N ALA A 20 -6.60 -7.74 32.53
CA ALA A 20 -7.54 -8.48 33.35
C ALA A 20 -8.93 -8.54 32.70
N GLU A 21 -9.39 -7.40 32.17
N GLU A 21 -9.41 -7.40 32.18
CA GLU A 21 -10.67 -7.28 31.48
CA GLU A 21 -10.70 -7.34 31.50
C GLU A 21 -10.71 -8.23 30.28
C GLU A 21 -10.70 -8.27 30.28
N LYS A 22 -9.63 -8.20 29.48
CA LYS A 22 -9.48 -9.11 28.35
C LYS A 22 -9.50 -10.58 28.81
N MET A 23 -8.78 -10.90 29.90
CA MET A 23 -8.63 -12.30 30.26
C MET A 23 -9.95 -12.84 30.81
N LYS A 24 -10.73 -11.95 31.43
CA LYS A 24 -12.06 -12.30 31.90
C LYS A 24 -12.93 -12.80 30.74
N THR A 25 -12.91 -12.09 29.59
CA THR A 25 -13.65 -12.49 28.41
C THR A 25 -13.06 -13.77 27.82
N VAL A 26 -11.74 -13.81 27.63
CA VAL A 26 -11.05 -15.01 27.19
C VAL A 26 -11.48 -16.21 28.05
N LEU A 27 -11.51 -16.05 29.38
CA LEU A 27 -11.71 -17.19 30.26
C LEU A 27 -13.19 -17.45 30.53
N GLY A 28 -14.10 -16.71 29.88
CA GLY A 28 -15.52 -16.99 29.95
C GLY A 28 -16.15 -16.64 31.29
N LYS A 29 -15.61 -15.60 31.96
CA LYS A 29 -16.08 -15.21 33.27
C LYS A 29 -16.86 -13.90 33.17
N THR A 30 -17.60 -13.60 34.23
CA THR A 30 -18.51 -12.46 34.27
C THR A 30 -17.80 -11.23 34.85
N ASN A 31 -16.99 -11.43 35.90
CA ASN A 31 -16.34 -10.34 36.60
C ASN A 31 -14.84 -10.64 36.71
N VAL A 32 -14.03 -9.57 36.65
CA VAL A 32 -12.59 -9.69 36.77
C VAL A 32 -12.23 -10.21 38.17
N THR A 33 -13.16 -10.08 39.13
CA THR A 33 -12.99 -10.58 40.50
C THR A 33 -13.33 -12.07 40.61
N ASP A 34 -13.86 -12.70 39.55
CA ASP A 34 -14.18 -14.12 39.60
C ASP A 34 -12.90 -14.95 39.62
N THR A 35 -12.90 -16.07 40.35
CA THR A 35 -11.72 -16.92 40.44
C THR A 35 -11.63 -17.80 39.20
N VAL A 36 -10.38 -18.16 38.83
CA VAL A 36 -10.12 -19.17 37.83
C VAL A 36 -9.10 -20.17 38.39
N SER A 37 -9.03 -21.34 37.76
CA SER A 37 -8.12 -22.41 38.15
C SER A 37 -6.91 -22.44 37.22
N GLN A 38 -5.83 -23.17 37.59
CA GLN A 38 -4.74 -23.38 36.66
C GLN A 38 -5.22 -24.14 35.41
N THR A 39 -6.19 -25.07 35.57
CA THR A 39 -6.75 -25.81 34.44
C THR A 39 -7.37 -24.88 33.40
N ASP A 40 -8.19 -23.91 33.85
CA ASP A 40 -8.75 -22.91 32.97
C ASP A 40 -7.65 -22.16 32.20
N LEU A 41 -6.55 -21.80 32.90
CA LEU A 41 -5.49 -20.98 32.33
C LEU A 41 -4.71 -21.79 31.29
N ASP A 42 -4.64 -23.11 31.50
CA ASP A 42 -3.91 -24.00 30.60
C ASP A 42 -4.67 -24.22 29.29
N GLN A 43 -5.93 -23.78 29.19
CA GLN A 43 -6.70 -23.94 27.96
C GLN A 43 -6.40 -22.85 26.92
N VAL A 44 -5.72 -21.78 27.31
CA VAL A 44 -5.47 -20.65 26.43
C VAL A 44 -4.21 -20.95 25.63
N THR A 45 -4.35 -21.00 24.28
CA THR A 45 -3.25 -21.36 23.41
C THR A 45 -2.92 -20.20 22.45
N THR A 46 -3.87 -19.28 22.22
CA THR A 46 -3.62 -18.05 21.47
C THR A 46 -4.24 -16.86 22.22
N LEU A 47 -3.70 -15.66 21.97
CA LEU A 47 -4.19 -14.46 22.64
C LEU A 47 -3.92 -13.25 21.75
N GLN A 48 -5.02 -12.59 21.35
CA GLN A 48 -5.01 -11.37 20.57
C GLN A 48 -5.37 -10.22 21.51
N ALA A 49 -4.35 -9.58 22.07
CA ALA A 49 -4.54 -8.53 23.07
C ALA A 49 -3.91 -7.23 22.59
N ASP A 50 -3.98 -7.01 21.27
CA ASP A 50 -3.47 -5.79 20.67
C ASP A 50 -4.37 -4.61 21.04
N ARG A 51 -3.79 -3.41 21.15
CA ARG A 51 -4.56 -2.16 21.14
C ARG A 51 -5.49 -2.05 22.34
N LEU A 52 -5.02 -2.40 23.55
CA LEU A 52 -5.84 -2.35 24.77
C LEU A 52 -5.24 -1.44 25.85
N GLY A 53 -4.20 -0.67 25.52
CA GLY A 53 -3.53 0.16 26.52
C GLY A 53 -2.89 -0.64 27.66
N ILE A 54 -2.41 -1.86 27.37
CA ILE A 54 -1.81 -2.72 28.39
C ILE A 54 -0.41 -2.20 28.74
N LYS A 55 -0.11 -2.12 30.04
CA LYS A 55 1.18 -1.61 30.51
C LYS A 55 2.02 -2.72 31.14
N SER A 56 1.39 -3.85 31.47
CA SER A 56 2.07 -4.96 32.11
C SER A 56 1.41 -6.28 31.70
N ILE A 57 2.24 -7.29 31.39
CA ILE A 57 1.75 -8.62 31.09
C ILE A 57 1.99 -9.59 32.26
N ASP A 58 2.20 -9.05 33.47
CA ASP A 58 2.20 -9.90 34.67
C ASP A 58 0.93 -10.75 34.66
N GLY A 59 1.11 -12.07 34.86
CA GLY A 59 0.02 -13.04 34.81
C GLY A 59 0.12 -14.02 33.64
N VAL A 60 0.73 -13.56 32.53
CA VAL A 60 0.80 -14.36 31.30
C VAL A 60 1.71 -15.57 31.46
N GLU A 61 2.64 -15.53 32.44
CA GLU A 61 3.52 -16.68 32.69
C GLU A 61 2.71 -17.93 33.06
N TYR A 62 1.45 -17.77 33.54
CA TYR A 62 0.61 -18.89 33.96
C TYR A 62 -0.19 -19.46 32.79
N LEU A 63 -0.11 -18.81 31.64
CA LEU A 63 -0.74 -19.32 30.43
C LEU A 63 0.27 -20.21 29.70
N ASN A 64 0.52 -21.38 30.29
CA ASN A 64 1.65 -22.22 29.92
C ASN A 64 1.59 -22.69 28.47
N ASN A 65 0.37 -22.80 27.92
CA ASN A 65 0.19 -23.45 26.63
C ASN A 65 0.12 -22.46 25.46
N LEU A 66 0.52 -21.19 25.68
CA LEU A 66 0.45 -20.22 24.60
C LEU A 66 1.39 -20.63 23.47
N THR A 67 0.88 -20.51 22.22
CA THR A 67 1.67 -20.68 21.00
C THR A 67 1.74 -19.40 20.16
N GLN A 68 0.72 -18.52 20.21
CA GLN A 68 0.67 -17.30 19.42
CA GLN A 68 0.71 -17.30 19.43
C GLN A 68 0.11 -16.15 20.25
N ILE A 69 0.79 -15.00 20.26
CA ILE A 69 0.31 -13.85 21.01
C ILE A 69 0.47 -12.61 20.14
N ASN A 70 -0.52 -11.73 20.27
CA ASN A 70 -0.48 -10.39 19.72
C ASN A 70 -0.65 -9.40 20.86
N PHE A 71 0.42 -8.66 21.18
CA PHE A 71 0.37 -7.56 22.14
C PHE A 71 0.87 -6.29 21.48
N SER A 72 0.63 -6.17 20.17
CA SER A 72 1.04 -5.00 19.43
C SER A 72 0.20 -3.81 19.88
N ASN A 73 0.72 -2.60 19.69
CA ASN A 73 -0.02 -1.36 19.93
C ASN A 73 -0.47 -1.31 21.40
N ASN A 74 0.50 -1.44 22.32
CA ASN A 74 0.24 -1.35 23.76
C ASN A 74 1.29 -0.41 24.38
N GLN A 75 1.54 -0.53 25.70
CA GLN A 75 2.54 0.30 26.36
C GLN A 75 3.48 -0.56 27.21
N LEU A 76 3.83 -1.74 26.65
CA LEU A 76 4.71 -2.71 27.30
C LEU A 76 6.14 -2.17 27.39
N THR A 77 6.77 -2.41 28.55
CA THR A 77 8.20 -2.26 28.71
C THR A 77 8.79 -3.61 29.11
N ASP A 78 8.43 -4.11 30.29
CA ASP A 78 8.93 -5.39 30.79
C ASP A 78 8.18 -6.55 30.14
N ILE A 79 8.93 -7.55 29.63
CA ILE A 79 8.30 -8.72 29.04
C ILE A 79 8.89 -9.99 29.66
N THR A 80 9.41 -9.86 30.89
CA THR A 80 9.87 -10.98 31.70
C THR A 80 8.86 -12.14 31.77
N PRO A 81 7.53 -11.92 31.88
CA PRO A 81 6.58 -13.05 31.93
C PRO A 81 6.55 -14.05 30.75
N LEU A 82 7.14 -13.69 29.59
CA LEU A 82 7.26 -14.59 28.44
C LEU A 82 8.35 -15.65 28.62
N LYS A 83 9.23 -15.45 29.61
CA LYS A 83 10.53 -16.12 29.79
C LYS A 83 10.47 -17.62 29.56
N ASN A 84 9.44 -18.27 30.13
CA ASN A 84 9.35 -19.72 30.17
C ASN A 84 8.22 -20.25 29.29
N LEU A 85 7.61 -19.40 28.44
CA LEU A 85 6.52 -19.82 27.57
C LEU A 85 7.11 -20.39 26.29
N THR A 86 7.75 -21.57 26.41
CA THR A 86 8.62 -22.13 25.37
C THR A 86 7.81 -22.76 24.22
N LYS A 87 6.48 -22.87 24.36
CA LYS A 87 5.65 -23.30 23.23
C LYS A 87 5.32 -22.16 22.26
N LEU A 88 5.76 -20.92 22.54
CA LEU A 88 5.49 -19.77 21.66
C LEU A 88 6.19 -19.98 20.31
N VAL A 89 5.43 -19.81 19.22
CA VAL A 89 5.95 -19.86 17.86
C VAL A 89 5.83 -18.50 17.16
N ASP A 90 4.83 -17.67 17.51
CA ASP A 90 4.67 -16.37 16.86
C ASP A 90 4.37 -15.29 17.91
N ILE A 91 5.13 -14.18 17.87
CA ILE A 91 4.93 -13.03 18.76
C ILE A 91 4.82 -11.76 17.92
N LEU A 92 3.71 -11.04 18.11
CA LEU A 92 3.54 -9.69 17.59
C LEU A 92 3.58 -8.67 18.75
N MET A 93 4.58 -7.78 18.76
CA MET A 93 4.72 -6.80 19.83
C MET A 93 5.27 -5.47 19.34
N ASN A 94 5.02 -5.18 18.06
CA ASN A 94 5.34 -3.88 17.47
C ASN A 94 4.54 -2.81 18.20
N ASN A 95 5.13 -1.61 18.28
CA ASN A 95 4.54 -0.42 18.86
C ASN A 95 4.32 -0.63 20.35
N ASN A 96 5.44 -0.75 21.06
CA ASN A 96 5.51 -0.72 22.51
C ASN A 96 6.73 0.11 22.90
N GLN A 97 7.16 0.00 24.16
CA GLN A 97 8.34 0.69 24.63
C GLN A 97 9.30 -0.33 25.25
N ILE A 98 9.51 -1.43 24.51
CA ILE A 98 10.31 -2.54 25.00
C ILE A 98 11.77 -2.20 24.72
N ALA A 99 12.64 -2.38 25.72
CA ALA A 99 14.07 -2.15 25.56
C ALA A 99 14.86 -3.45 25.75
N ASP A 100 14.41 -4.29 26.70
CA ASP A 100 15.15 -5.46 27.12
C ASP A 100 14.41 -6.69 26.62
N ILE A 101 15.02 -7.38 25.63
CA ILE A 101 14.42 -8.58 25.06
C ILE A 101 15.09 -9.85 25.57
N THR A 102 15.81 -9.75 26.69
CA THR A 102 16.44 -10.92 27.32
C THR A 102 15.44 -12.05 27.57
N PRO A 103 14.19 -11.77 28.03
CA PRO A 103 13.20 -12.82 28.22
C PRO A 103 12.83 -13.69 27.00
N LEU A 104 13.28 -13.30 25.79
CA LEU A 104 13.02 -14.09 24.58
C LEU A 104 14.10 -15.16 24.35
N ALA A 105 15.19 -15.16 25.12
CA ALA A 105 16.41 -15.83 24.66
C ALA A 105 16.23 -17.34 24.52
N ASN A 106 15.25 -17.92 25.24
CA ASN A 106 15.06 -19.37 25.30
C ASN A 106 13.79 -19.81 24.58
N LEU A 107 13.12 -18.89 23.87
CA LEU A 107 11.93 -19.21 23.09
C LEU A 107 12.34 -19.72 21.70
N THR A 108 12.99 -20.90 21.66
CA THR A 108 13.63 -21.40 20.45
C THR A 108 12.63 -22.02 19.46
N ASN A 109 11.35 -22.13 19.85
CA ASN A 109 10.31 -22.56 18.93
C ASN A 109 9.75 -21.39 18.13
N LEU A 110 10.21 -20.16 18.40
CA LEU A 110 9.76 -19.00 17.63
C LEU A 110 10.15 -19.15 16.16
N THR A 111 9.15 -18.99 15.29
CA THR A 111 9.35 -18.81 13.86
C THR A 111 9.02 -17.39 13.40
N GLY A 112 8.23 -16.64 14.19
CA GLY A 112 7.90 -15.28 13.83
C GLY A 112 7.98 -14.32 15.03
N LEU A 113 8.69 -13.20 14.84
CA LEU A 113 8.91 -12.25 15.92
C LEU A 113 8.92 -10.84 15.36
N THR A 114 7.87 -10.08 15.72
CA THR A 114 7.64 -8.72 15.25
C THR A 114 7.84 -7.77 16.44
N LEU A 115 8.86 -6.88 16.33
CA LEU A 115 9.29 -6.01 17.42
C LEU A 115 9.61 -4.60 16.93
N PHE A 116 9.09 -4.23 15.75
CA PHE A 116 9.42 -2.91 15.23
C PHE A 116 8.73 -1.84 16.08
N ASN A 117 9.32 -0.64 16.09
CA ASN A 117 8.79 0.49 16.84
C ASN A 117 8.79 0.13 18.32
N ASN A 118 10.00 -0.10 18.84
CA ASN A 118 10.25 -0.26 20.27
C ASN A 118 11.46 0.61 20.64
N GLN A 119 12.16 0.25 21.73
CA GLN A 119 13.35 0.97 22.18
C GLN A 119 14.53 0.00 22.32
N ILE A 120 14.66 -0.92 21.35
CA ILE A 120 15.65 -1.97 21.43
C ILE A 120 17.00 -1.50 20.85
N THR A 121 18.08 -1.70 21.64
CA THR A 121 19.44 -1.58 21.17
C THR A 121 20.11 -2.95 21.02
N ASP A 122 20.02 -3.74 22.10
CA ASP A 122 20.77 -4.98 22.26
C ASP A 122 19.92 -6.16 21.81
N ILE A 123 20.38 -6.86 20.76
CA ILE A 123 19.65 -7.99 20.21
C ILE A 123 20.42 -9.30 20.35
N ASP A 124 21.47 -9.30 21.17
CA ASP A 124 22.17 -10.52 21.54
C ASP A 124 21.20 -11.63 21.97
N PRO A 125 20.11 -11.36 22.76
CA PRO A 125 19.20 -12.43 23.18
C PRO A 125 18.45 -13.17 22.07
N LEU A 126 18.52 -12.69 20.81
CA LEU A 126 17.92 -13.39 19.67
C LEU A 126 18.84 -14.45 19.06
N LYS A 127 20.10 -14.60 19.54
CA LYS A 127 21.12 -15.29 18.75
C LYS A 127 20.83 -16.78 18.59
N ASN A 128 20.09 -17.39 19.53
CA ASN A 128 19.81 -18.82 19.53
C ASN A 128 18.39 -19.12 19.06
N LEU A 129 17.69 -18.14 18.48
CA LEU A 129 16.35 -18.33 17.97
C LEU A 129 16.41 -18.74 16.50
N THR A 130 17.04 -19.89 16.25
CA THR A 130 17.52 -20.28 14.94
C THR A 130 16.40 -20.80 14.04
N ASN A 131 15.17 -20.92 14.58
CA ASN A 131 14.01 -21.32 13.76
C ASN A 131 13.23 -20.12 13.25
N LEU A 132 13.66 -18.89 13.54
CA LEU A 132 12.96 -17.71 13.06
C LEU A 132 12.97 -17.67 11.53
N ASN A 133 11.82 -17.37 10.92
CA ASN A 133 11.78 -17.11 9.50
C ASN A 133 11.28 -15.69 9.20
N ARG A 134 10.68 -15.03 10.18
CA ARG A 134 10.23 -13.65 10.07
C ARG A 134 10.66 -12.89 11.31
N LEU A 135 11.46 -11.83 11.13
CA LEU A 135 11.94 -11.02 12.23
C LEU A 135 11.96 -9.56 11.78
N GLU A 136 11.20 -8.73 12.49
CA GLU A 136 11.07 -7.32 12.16
C GLU A 136 11.58 -6.50 13.34
N LEU A 137 12.61 -5.67 13.09
CA LEU A 137 13.22 -4.87 14.15
C LEU A 137 13.43 -3.41 13.75
N SER A 138 12.75 -2.89 12.71
CA SER A 138 12.87 -1.50 12.31
CA SER A 138 12.92 -1.50 12.33
C SER A 138 12.35 -0.58 13.41
N SER A 139 12.72 0.72 13.34
CA SER A 139 12.29 1.73 14.31
C SER A 139 12.69 1.31 15.72
N ASN A 140 13.97 0.94 15.86
CA ASN A 140 14.62 0.73 17.13
C ASN A 140 15.93 1.51 17.07
N THR A 141 16.88 1.22 17.98
CA THR A 141 18.17 1.90 17.97
C THR A 141 19.32 0.87 17.96
N ILE A 142 19.19 -0.12 17.08
CA ILE A 142 20.17 -1.17 16.91
C ILE A 142 21.32 -0.68 16.03
N SER A 143 22.57 -0.98 16.47
CA SER A 143 23.79 -0.66 15.73
C SER A 143 24.56 -1.92 15.34
N ASP A 144 24.31 -3.02 16.05
CA ASP A 144 25.12 -4.22 15.93
C ASP A 144 24.20 -5.40 15.66
N ILE A 145 24.37 -6.05 14.50
CA ILE A 145 23.52 -7.17 14.12
C ILE A 145 24.27 -8.49 14.09
N SER A 146 25.42 -8.62 14.78
CA SER A 146 26.17 -9.88 14.78
C SER A 146 25.31 -11.04 15.30
N ALA A 147 24.32 -10.74 16.16
CA ALA A 147 23.45 -11.75 16.74
C ALA A 147 22.51 -12.40 15.72
N LEU A 148 22.41 -11.82 14.49
CA LEU A 148 21.58 -12.38 13.43
C LEU A 148 22.32 -13.46 12.65
N SER A 149 23.64 -13.58 12.82
CA SER A 149 24.47 -14.31 11.87
C SER A 149 24.13 -15.79 11.83
N GLY A 150 23.52 -16.31 12.91
CA GLY A 150 23.17 -17.72 13.02
C GLY A 150 21.69 -18.02 12.76
N LEU A 151 20.93 -17.03 12.29
CA LEU A 151 19.50 -17.22 12.03
C LEU A 151 19.30 -17.55 10.56
N THR A 152 19.72 -18.79 10.21
CA THR A 152 19.84 -19.26 8.83
C THR A 152 18.52 -19.81 8.26
N SER A 153 17.39 -19.64 8.98
CA SER A 153 16.08 -19.91 8.41
C SER A 153 15.33 -18.63 8.05
N LEU A 154 15.95 -17.46 8.24
CA LEU A 154 15.26 -16.20 8.04
C LEU A 154 14.89 -16.05 6.55
N GLN A 155 13.63 -15.70 6.31
CA GLN A 155 13.12 -15.38 4.99
C GLN A 155 12.74 -13.90 4.86
N GLN A 156 12.30 -13.31 5.97
CA GLN A 156 11.83 -11.93 5.99
C GLN A 156 12.48 -11.25 7.19
N LEU A 157 13.20 -10.15 6.92
CA LEU A 157 14.00 -9.49 7.94
C LEU A 157 14.01 -7.97 7.74
N SER A 158 13.96 -7.27 8.88
CA SER A 158 14.19 -5.83 8.90
C SER A 158 14.87 -5.44 10.22
N PHE A 159 15.54 -4.27 10.21
CA PHE A 159 16.13 -3.76 11.44
C PHE A 159 16.58 -2.32 11.21
N GLY A 160 16.82 -1.63 12.32
CA GLY A 160 17.29 -0.25 12.33
C GLY A 160 17.51 0.25 13.76
N ASN A 161 18.05 1.46 13.93
CA ASN A 161 18.26 2.43 12.86
C ASN A 161 19.71 2.91 12.81
N GLN A 162 20.67 2.18 13.36
CA GLN A 162 22.04 2.66 13.48
C GLN A 162 23.06 1.71 12.87
N VAL A 163 22.65 0.77 12.02
CA VAL A 163 23.55 -0.27 11.55
C VAL A 163 24.40 0.28 10.41
N THR A 164 25.70 0.06 10.49
CA THR A 164 26.58 0.35 9.36
C THR A 164 27.11 -0.97 8.77
N ASP A 165 27.28 -2.00 9.62
CA ASP A 165 27.99 -3.20 9.24
C ASP A 165 26.97 -4.33 9.00
N LEU A 166 26.86 -4.73 7.71
CA LEU A 166 25.91 -5.73 7.23
C LEU A 166 26.55 -7.12 7.14
N LYS A 167 27.83 -7.24 7.49
CA LYS A 167 28.56 -8.48 7.30
C LYS A 167 27.89 -9.65 8.04
N PRO A 168 27.23 -9.48 9.20
CA PRO A 168 26.51 -10.62 9.82
C PRO A 168 25.38 -11.27 9.02
N LEU A 169 24.98 -10.66 7.89
CA LEU A 169 23.97 -11.23 7.00
C LEU A 169 24.51 -12.33 6.10
N ALA A 170 25.84 -12.47 5.98
CA ALA A 170 26.48 -13.25 4.94
C ALA A 170 25.89 -14.65 4.76
N ASN A 171 25.51 -15.30 5.87
CA ASN A 171 25.10 -16.68 5.83
C ASN A 171 23.59 -16.88 5.80
N LEU A 172 22.81 -15.80 5.69
CA LEU A 172 21.36 -15.94 5.78
C LEU A 172 20.78 -16.06 4.36
N THR A 173 21.22 -17.09 3.62
CA THR A 173 20.97 -17.19 2.19
C THR A 173 19.51 -17.61 1.92
N THR A 174 18.75 -17.95 2.96
CA THR A 174 17.31 -18.15 2.82
C THR A 174 16.52 -16.84 2.71
N LEU A 175 17.15 -15.67 2.95
CA LEU A 175 16.43 -14.39 2.89
C LEU A 175 15.82 -14.15 1.51
N GLU A 176 14.56 -13.72 1.52
CA GLU A 176 13.77 -13.37 0.35
C GLU A 176 13.35 -11.90 0.34
N ARG A 177 13.17 -11.34 1.53
CA ARG A 177 12.57 -10.03 1.69
C ARG A 177 13.29 -9.31 2.82
N LEU A 178 14.01 -8.25 2.45
CA LEU A 178 14.91 -7.57 3.35
C LEU A 178 14.59 -6.08 3.33
N ASP A 179 14.47 -5.48 4.52
CA ASP A 179 14.36 -4.04 4.65
C ASP A 179 15.46 -3.51 5.59
N ILE A 180 16.42 -2.78 5.02
CA ILE A 180 17.50 -2.15 5.76
C ILE A 180 17.40 -0.62 5.73
N SER A 181 16.17 -0.10 5.53
CA SER A 181 15.91 1.33 5.46
C SER A 181 16.34 2.04 6.74
N SER A 182 16.88 3.25 6.55
CA SER A 182 17.09 4.24 7.63
C SER A 182 18.11 3.74 8.63
N ASN A 183 19.24 3.25 8.09
CA ASN A 183 20.41 2.87 8.85
C ASN A 183 21.53 3.82 8.44
N LYS A 184 22.78 3.40 8.63
CA LYS A 184 23.93 4.20 8.25
C LYS A 184 24.75 3.44 7.21
N VAL A 185 24.05 2.81 6.26
CA VAL A 185 24.68 1.81 5.42
C VAL A 185 25.21 2.50 4.17
N SER A 186 26.50 2.30 3.87
CA SER A 186 27.02 2.59 2.54
C SER A 186 27.40 1.30 1.81
N ASP A 187 27.94 0.33 2.55
CA ASP A 187 28.50 -0.84 1.92
C ASP A 187 27.45 -1.96 1.93
N ILE A 188 26.93 -2.30 0.73
CA ILE A 188 25.96 -3.37 0.59
C ILE A 188 26.57 -4.58 -0.14
N SER A 189 27.89 -4.73 -0.13
CA SER A 189 28.54 -5.86 -0.77
C SER A 189 28.04 -7.22 -0.25
N VAL A 190 27.69 -7.35 1.04
CA VAL A 190 27.26 -8.63 1.58
C VAL A 190 26.00 -9.12 0.86
N LEU A 191 25.15 -8.21 0.34
CA LEU A 191 23.86 -8.58 -0.26
C LEU A 191 24.03 -9.47 -1.49
N ALA A 192 25.20 -9.46 -2.15
CA ALA A 192 25.44 -10.32 -3.29
C ALA A 192 25.36 -11.80 -2.90
N LYS A 193 25.50 -12.10 -1.61
CA LYS A 193 25.42 -13.45 -1.09
C LYS A 193 23.97 -13.90 -0.94
N LEU A 194 23.03 -12.96 -0.95
CA LEU A 194 21.64 -13.29 -0.68
C LEU A 194 20.88 -13.45 -2.00
N THR A 195 21.20 -14.53 -2.73
CA THR A 195 20.78 -14.70 -4.12
C THR A 195 19.30 -15.08 -4.23
N ASN A 196 18.63 -15.37 -3.10
CA ASN A 196 17.19 -15.61 -3.10
C ASN A 196 16.36 -14.34 -2.87
N LEU A 197 17.00 -13.16 -2.77
CA LEU A 197 16.23 -11.94 -2.51
C LEU A 197 15.26 -11.68 -3.66
N GLU A 198 14.00 -11.43 -3.29
CA GLU A 198 12.95 -10.98 -4.21
C GLU A 198 12.55 -9.54 -3.94
N SER A 199 12.76 -9.05 -2.71
CA SER A 199 12.42 -7.69 -2.35
C SER A 199 13.52 -7.11 -1.46
N LEU A 200 14.02 -5.94 -1.88
CA LEU A 200 15.02 -5.22 -1.11
C LEU A 200 14.56 -3.78 -0.94
N ILE A 201 14.33 -3.38 0.30
CA ILE A 201 13.98 -2.01 0.63
C ILE A 201 15.17 -1.45 1.40
N ALA A 202 15.80 -0.39 0.86
CA ALA A 202 17.01 0.19 1.43
C ALA A 202 17.00 1.71 1.31
N THR A 203 15.86 2.33 1.65
CA THR A 203 15.70 3.76 1.57
C THR A 203 16.53 4.48 2.65
N ASN A 204 16.85 5.75 2.39
CA ASN A 204 17.41 6.63 3.41
C ASN A 204 18.66 6.01 4.01
N ASN A 205 19.64 5.74 3.15
CA ASN A 205 20.96 5.25 3.52
C ASN A 205 22.00 6.12 2.82
N GLN A 206 23.24 5.62 2.72
CA GLN A 206 24.33 6.36 2.09
C GLN A 206 24.95 5.52 0.98
N ILE A 207 24.10 4.84 0.19
CA ILE A 207 24.58 3.87 -0.77
C ILE A 207 24.90 4.58 -2.07
N SER A 208 26.09 4.33 -2.60
CA SER A 208 26.48 4.83 -3.91
C SER A 208 26.84 3.71 -4.89
N ASP A 209 27.17 2.52 -4.39
CA ASP A 209 27.67 1.43 -5.22
C ASP A 209 26.64 0.31 -5.15
N ILE A 210 26.01 -0.01 -6.29
CA ILE A 210 24.99 -1.04 -6.34
C ILE A 210 25.46 -2.25 -7.16
N THR A 211 26.75 -2.32 -7.48
CA THR A 211 27.30 -3.49 -8.15
C THR A 211 26.98 -4.77 -7.40
N PRO A 212 26.93 -4.82 -6.04
CA PRO A 212 26.58 -6.05 -5.35
C PRO A 212 25.24 -6.67 -5.79
N LEU A 213 24.31 -5.84 -6.31
CA LEU A 213 22.99 -6.35 -6.68
C LEU A 213 23.02 -7.16 -7.97
N GLY A 214 24.14 -7.18 -8.70
CA GLY A 214 24.18 -7.70 -10.05
C GLY A 214 23.62 -9.11 -10.22
N ILE A 215 23.91 -10.02 -9.27
CA ILE A 215 23.51 -11.43 -9.42
C ILE A 215 22.20 -11.70 -8.68
N LEU A 216 21.54 -10.66 -8.17
CA LEU A 216 20.30 -10.83 -7.41
C LEU A 216 19.12 -10.72 -8.40
N THR A 217 19.13 -11.62 -9.39
CA THR A 217 18.24 -11.51 -10.54
C THR A 217 16.82 -11.96 -10.21
N ASN A 218 16.55 -12.46 -8.99
CA ASN A 218 15.17 -12.74 -8.58
C ASN A 218 14.50 -11.49 -8.00
N LEU A 219 15.16 -10.33 -8.01
CA LEU A 219 14.54 -9.14 -7.45
C LEU A 219 13.35 -8.73 -8.33
N ASP A 220 12.18 -8.59 -7.68
CA ASP A 220 11.02 -8.02 -8.35
C ASP A 220 10.72 -6.62 -7.82
N GLU A 221 11.24 -6.29 -6.63
CA GLU A 221 10.92 -5.06 -5.92
C GLU A 221 12.21 -4.51 -5.33
N LEU A 222 12.51 -3.22 -5.63
CA LEU A 222 13.74 -2.60 -5.16
C LEU A 222 13.49 -1.12 -4.87
N SER A 223 13.78 -0.69 -3.64
CA SER A 223 13.68 0.72 -3.29
C SER A 223 15.03 1.19 -2.75
N LEU A 224 15.63 2.15 -3.48
CA LEU A 224 16.86 2.81 -3.07
C LEU A 224 16.62 4.33 -2.95
N ASN A 225 15.37 4.67 -2.62
CA ASN A 225 14.92 6.03 -2.38
C ASN A 225 15.79 6.69 -1.30
N GLY A 226 16.50 7.78 -1.68
CA GLY A 226 17.22 8.57 -0.68
C GLY A 226 18.57 7.99 -0.32
N ASN A 227 19.46 7.96 -1.31
CA ASN A 227 20.80 7.42 -1.20
C ASN A 227 21.73 8.36 -1.98
N GLN A 228 22.84 7.85 -2.50
CA GLN A 228 23.79 8.65 -3.25
C GLN A 228 24.07 7.96 -4.59
N LEU A 229 23.04 7.43 -5.25
CA LEU A 229 23.22 6.71 -6.50
C LEU A 229 23.54 7.65 -7.67
N LYS A 230 24.40 7.17 -8.57
CA LYS A 230 24.63 7.80 -9.86
C LYS A 230 24.71 6.72 -10.96
N ASP A 231 25.74 5.85 -10.90
CA ASP A 231 25.87 4.75 -11.85
C ASP A 231 24.91 3.65 -11.41
N ILE A 232 23.87 3.46 -12.24
CA ILE A 232 22.90 2.38 -12.06
C ILE A 232 23.01 1.32 -13.17
N GLY A 233 24.21 1.15 -13.76
CA GLY A 233 24.45 0.15 -14.80
C GLY A 233 24.01 -1.25 -14.40
N THR A 234 24.22 -1.59 -13.12
CA THR A 234 23.93 -2.90 -12.58
C THR A 234 22.45 -3.28 -12.71
N LEU A 235 21.55 -2.28 -12.73
CA LEU A 235 20.12 -2.55 -12.79
C LEU A 235 19.70 -3.23 -14.10
N ALA A 236 20.52 -3.12 -15.15
CA ALA A 236 20.21 -3.80 -16.39
C ALA A 236 20.18 -5.32 -16.24
N SER A 237 20.81 -5.90 -15.18
CA SER A 237 20.75 -7.34 -14.94
C SER A 237 19.42 -7.77 -14.32
N LEU A 238 18.64 -6.84 -13.77
CA LEU A 238 17.53 -7.19 -12.90
C LEU A 238 16.19 -7.11 -13.66
N THR A 239 16.07 -8.00 -14.67
CA THR A 239 14.99 -7.98 -15.64
C THR A 239 13.67 -8.48 -15.04
N ASN A 240 13.68 -8.99 -13.80
CA ASN A 240 12.43 -9.36 -13.16
C ASN A 240 11.82 -8.21 -12.34
N LEU A 241 12.45 -7.03 -12.30
CA LEU A 241 11.92 -5.90 -11.54
C LEU A 241 10.58 -5.44 -12.12
N THR A 242 9.57 -5.31 -11.24
CA THR A 242 8.30 -4.68 -11.61
C THR A 242 8.08 -3.37 -10.87
N ASP A 243 8.78 -3.17 -9.72
CA ASP A 243 8.56 -1.99 -8.89
C ASP A 243 9.91 -1.44 -8.43
N LEU A 244 10.28 -0.26 -8.95
CA LEU A 244 11.59 0.32 -8.77
C LEU A 244 11.48 1.77 -8.29
N ASP A 245 12.09 2.06 -7.14
CA ASP A 245 12.13 3.42 -6.61
C ASP A 245 13.60 3.82 -6.47
N LEU A 246 14.00 4.82 -7.28
CA LEU A 246 15.34 5.40 -7.25
C LEU A 246 15.26 6.91 -7.00
N ALA A 247 14.18 7.37 -6.34
CA ALA A 247 13.97 8.79 -6.12
C ALA A 247 15.03 9.33 -5.15
N ASN A 248 15.38 10.63 -5.26
CA ASN A 248 16.23 11.28 -4.28
C ASN A 248 17.65 10.69 -4.34
N ASN A 249 18.26 10.79 -5.53
CA ASN A 249 19.60 10.32 -5.82
C ASN A 249 20.27 11.35 -6.74
N GLN A 250 21.33 10.95 -7.45
CA GLN A 250 22.07 11.81 -8.36
C GLN A 250 22.14 11.20 -9.75
N ILE A 251 21.07 10.48 -10.18
CA ILE A 251 21.09 9.70 -11.40
C ILE A 251 20.87 10.63 -12.59
N SER A 252 21.63 10.45 -13.67
CA SER A 252 21.35 11.10 -14.94
C SER A 252 21.16 10.10 -16.08
N ASN A 253 21.87 8.97 -16.06
CA ASN A 253 21.89 8.03 -17.18
C ASN A 253 20.92 6.87 -16.92
N LEU A 254 19.81 6.84 -17.67
CA LEU A 254 18.72 5.88 -17.50
C LEU A 254 18.80 4.72 -18.49
N ALA A 255 19.81 4.71 -19.37
CA ALA A 255 20.01 3.65 -20.34
C ALA A 255 19.95 2.25 -19.73
N PRO A 256 20.47 2.01 -18.49
CA PRO A 256 20.36 0.70 -17.86
C PRO A 256 18.94 0.23 -17.55
N LEU A 257 17.94 1.13 -17.62
CA LEU A 257 16.56 0.77 -17.33
C LEU A 257 15.82 0.32 -18.58
N SER A 258 16.40 0.54 -19.77
CA SER A 258 15.62 0.44 -20.99
C SER A 258 15.04 -0.96 -21.20
N GLY A 259 15.66 -2.02 -20.64
CA GLY A 259 15.23 -3.38 -20.91
C GLY A 259 14.37 -3.97 -19.79
N LEU A 260 14.05 -3.17 -18.76
CA LEU A 260 13.28 -3.65 -17.62
C LEU A 260 11.78 -3.49 -17.93
N THR A 261 11.30 -4.25 -18.92
CA THR A 261 9.99 -4.06 -19.53
C THR A 261 8.90 -4.65 -18.65
N LYS A 262 9.24 -5.34 -17.55
CA LYS A 262 8.22 -5.73 -16.58
C LYS A 262 7.89 -4.62 -15.57
N LEU A 263 8.57 -3.49 -15.63
CA LEU A 263 8.30 -2.38 -14.71
C LEU A 263 6.88 -1.86 -14.90
N THR A 264 6.13 -1.77 -13.79
CA THR A 264 4.81 -1.15 -13.78
C THR A 264 4.83 0.15 -12.97
N GLU A 265 5.78 0.25 -12.01
CA GLU A 265 5.99 1.48 -11.25
C GLU A 265 7.47 1.82 -11.22
N LEU A 266 7.73 3.09 -11.47
CA LEU A 266 9.08 3.62 -11.54
C LEU A 266 9.10 5.04 -10.99
N LYS A 267 9.83 5.23 -9.87
CA LYS A 267 10.02 6.53 -9.27
C LYS A 267 11.46 7.02 -9.49
N LEU A 268 11.56 8.22 -10.12
CA LEU A 268 12.85 8.82 -10.46
C LEU A 268 12.87 10.29 -10.08
N GLY A 269 11.97 10.70 -9.20
CA GLY A 269 11.93 12.07 -8.71
C GLY A 269 13.22 12.50 -8.00
N ALA A 270 13.60 13.77 -8.15
CA ALA A 270 14.73 14.35 -7.43
C ALA A 270 16.03 13.61 -7.79
N ASN A 271 16.40 13.78 -9.07
CA ASN A 271 17.60 13.22 -9.66
C ASN A 271 18.20 14.29 -10.58
N GLN A 272 19.02 13.89 -11.55
CA GLN A 272 19.69 14.79 -12.49
C GLN A 272 19.39 14.38 -13.94
N ILE A 273 18.12 14.04 -14.23
CA ILE A 273 17.74 13.46 -15.50
C ILE A 273 17.36 14.55 -16.50
N SER A 274 17.94 14.53 -17.71
CA SER A 274 17.49 15.40 -18.78
C SER A 274 16.99 14.64 -20.00
N ASN A 275 17.15 13.30 -20.00
CA ASN A 275 16.88 12.49 -21.19
C ASN A 275 16.18 11.20 -20.75
N ILE A 276 14.90 11.06 -21.17
CA ILE A 276 14.07 9.92 -20.81
C ILE A 276 13.80 9.03 -22.02
N SER A 277 14.59 9.20 -23.10
CA SER A 277 14.51 8.27 -24.23
C SER A 277 14.61 6.80 -23.79
N PRO A 278 15.53 6.42 -22.87
CA PRO A 278 15.57 5.03 -22.40
C PRO A 278 14.31 4.42 -21.78
N LEU A 279 13.33 5.26 -21.38
CA LEU A 279 12.08 4.79 -20.80
C LEU A 279 11.02 4.47 -21.85
N ALA A 280 11.29 4.71 -23.15
CA ALA A 280 10.25 4.67 -24.19
C ALA A 280 9.61 3.28 -24.35
N GLY A 281 10.36 2.21 -24.06
CA GLY A 281 9.83 0.86 -24.24
C GLY A 281 9.23 0.27 -22.96
N LEU A 282 9.10 1.06 -21.89
CA LEU A 282 8.57 0.54 -20.64
C LEU A 282 7.04 0.68 -20.60
N THR A 283 6.35 0.01 -21.55
CA THR A 283 4.96 0.27 -21.82
C THR A 283 4.02 -0.37 -20.80
N ALA A 284 4.55 -1.16 -19.84
CA ALA A 284 3.69 -1.67 -18.77
C ALA A 284 3.57 -0.66 -17.61
N LEU A 285 4.26 0.49 -17.67
CA LEU A 285 4.22 1.48 -16.57
C LEU A 285 2.82 2.06 -16.40
N THR A 286 2.34 2.04 -15.15
CA THR A 286 1.13 2.74 -14.74
C THR A 286 1.49 3.98 -13.92
N ASN A 287 2.62 3.92 -13.21
CA ASN A 287 3.08 5.00 -12.33
C ASN A 287 4.50 5.41 -12.72
N LEU A 288 4.68 6.70 -13.00
CA LEU A 288 5.99 7.23 -13.34
C LEU A 288 6.19 8.58 -12.68
N GLU A 289 7.24 8.68 -11.84
CA GLU A 289 7.57 9.95 -11.19
C GLU A 289 8.89 10.48 -11.73
N LEU A 290 8.83 11.69 -12.33
CA LEU A 290 9.97 12.35 -12.95
C LEU A 290 10.12 13.80 -12.49
N ASN A 291 9.47 14.12 -11.36
CA ASN A 291 9.57 15.43 -10.72
C ASN A 291 11.01 15.74 -10.32
N GLU A 292 11.32 17.03 -10.25
CA GLU A 292 12.59 17.53 -9.72
C GLU A 292 13.78 16.97 -10.50
N ASN A 293 13.75 17.09 -11.83
CA ASN A 293 14.87 16.72 -12.69
C ASN A 293 15.25 17.93 -13.53
N GLN A 294 15.81 17.71 -14.72
CA GLN A 294 16.12 18.80 -15.64
C GLN A 294 15.52 18.50 -17.02
N LEU A 295 14.27 18.03 -17.04
CA LEU A 295 13.63 17.62 -18.28
C LEU A 295 13.20 18.86 -19.07
N GLU A 296 13.33 18.76 -20.40
CA GLU A 296 12.68 19.67 -21.32
C GLU A 296 11.82 18.90 -22.31
N ASP A 297 12.46 18.04 -23.12
CA ASP A 297 11.71 17.23 -24.08
C ASP A 297 11.19 15.98 -23.37
N ILE A 298 9.85 15.85 -23.27
CA ILE A 298 9.27 14.64 -22.69
C ILE A 298 8.57 13.77 -23.74
N SER A 299 8.99 13.87 -25.01
CA SER A 299 8.30 13.16 -26.09
C SER A 299 8.35 11.64 -25.91
N PRO A 300 9.40 11.00 -25.33
CA PRO A 300 9.40 9.55 -25.11
C PRO A 300 8.25 9.05 -24.25
N ILE A 301 7.59 9.97 -23.53
CA ILE A 301 6.48 9.59 -22.65
C ILE A 301 5.21 9.20 -23.41
N SER A 302 5.07 9.62 -24.69
CA SER A 302 3.86 9.34 -25.46
C SER A 302 3.65 7.85 -25.71
N ASN A 303 4.69 7.04 -25.55
CA ASN A 303 4.60 5.61 -25.73
C ASN A 303 3.91 4.91 -24.55
N LEU A 304 3.81 5.59 -23.39
CA LEU A 304 3.47 4.92 -22.14
C LEU A 304 1.97 5.05 -21.89
N LYS A 305 1.20 4.30 -22.68
CA LYS A 305 -0.25 4.38 -22.79
C LYS A 305 -0.98 3.85 -21.57
N ASN A 306 -0.30 3.09 -20.70
CA ASN A 306 -0.91 2.53 -19.51
C ASN A 306 -0.76 3.44 -18.29
N LEU A 307 -0.11 4.59 -18.44
CA LEU A 307 0.09 5.50 -17.31
C LEU A 307 -1.26 6.00 -16.78
N THR A 308 -1.42 5.90 -15.45
CA THR A 308 -2.54 6.49 -14.75
C THR A 308 -2.05 7.61 -13.82
N TYR A 309 -0.76 7.59 -13.47
CA TYR A 309 -0.20 8.52 -12.50
C TYR A 309 1.14 9.01 -13.02
N LEU A 310 1.30 10.33 -13.16
CA LEU A 310 2.52 10.89 -13.71
C LEU A 310 2.90 12.20 -13.01
N THR A 311 4.13 12.28 -12.50
CA THR A 311 4.63 13.55 -11.98
C THR A 311 5.75 14.06 -12.88
N LEU A 312 5.71 15.39 -13.11
CA LEU A 312 6.68 16.10 -13.92
C LEU A 312 7.02 17.46 -13.34
N TYR A 313 6.56 17.74 -12.11
CA TYR A 313 6.75 19.05 -11.50
C TYR A 313 8.23 19.34 -11.23
N PHE A 314 8.56 20.64 -11.25
CA PHE A 314 9.95 21.10 -11.12
C PHE A 314 10.85 20.51 -12.20
N ASN A 315 10.58 20.89 -13.45
CA ASN A 315 11.44 20.63 -14.57
C ASN A 315 11.55 21.92 -15.38
N ASN A 316 11.92 21.80 -16.66
CA ASN A 316 12.00 22.94 -17.55
C ASN A 316 11.21 22.65 -18.84
N ILE A 317 10.01 22.07 -18.69
CA ILE A 317 9.19 21.60 -19.80
C ILE A 317 8.33 22.74 -20.37
N SER A 318 8.36 22.89 -21.71
CA SER A 318 7.55 23.88 -22.41
C SER A 318 6.36 23.20 -23.10
N ASP A 319 6.59 22.01 -23.64
CA ASP A 319 5.58 21.33 -24.45
C ASP A 319 5.04 20.12 -23.69
N ILE A 320 3.78 20.23 -23.21
CA ILE A 320 3.17 19.17 -22.39
C ILE A 320 2.49 18.14 -23.29
N SER A 321 2.43 18.42 -24.60
CA SER A 321 1.57 17.70 -25.52
C SER A 321 1.90 16.21 -25.60
N PRO A 322 3.13 15.71 -25.31
CA PRO A 322 3.34 14.27 -25.26
C PRO A 322 2.44 13.47 -24.30
N VAL A 323 1.83 14.11 -23.29
CA VAL A 323 0.90 13.41 -22.41
C VAL A 323 -0.48 13.21 -23.06
N SER A 324 -0.73 13.86 -24.21
CA SER A 324 -2.06 14.04 -24.77
C SER A 324 -2.72 12.71 -25.14
N SER A 325 -1.94 11.69 -25.50
CA SER A 325 -2.52 10.40 -25.86
C SER A 325 -2.67 9.47 -24.65
N LEU A 326 -2.22 9.88 -23.44
CA LEU A 326 -2.26 9.01 -22.26
C LEU A 326 -3.61 9.16 -21.54
N THR A 327 -4.64 8.58 -22.14
CA THR A 327 -6.03 8.88 -21.80
C THR A 327 -6.46 8.10 -20.56
N LYS A 328 -5.61 7.18 -20.05
CA LYS A 328 -5.90 6.57 -18.76
C LYS A 328 -5.43 7.47 -17.62
N LEU A 329 -4.78 8.61 -17.92
CA LEU A 329 -4.23 9.44 -16.86
C LEU A 329 -5.35 9.90 -15.93
N GLN A 330 -5.14 9.69 -14.62
N GLN A 330 -5.12 9.74 -14.62
CA GLN A 330 -6.06 10.16 -13.60
CA GLN A 330 -6.07 10.18 -13.61
C GLN A 330 -5.44 11.31 -12.81
C GLN A 330 -5.46 11.27 -12.72
N ARG A 331 -4.13 11.29 -12.58
CA ARG A 331 -3.44 12.31 -11.81
C ARG A 331 -2.18 12.72 -12.56
N LEU A 332 -2.11 14.01 -12.88
CA LEU A 332 -1.02 14.62 -13.62
C LEU A 332 -0.56 15.88 -12.88
N PHE A 333 0.75 15.95 -12.58
CA PHE A 333 1.34 17.06 -11.88
C PHE A 333 2.49 17.62 -12.72
N PHE A 334 2.43 18.90 -13.10
CA PHE A 334 3.54 19.52 -13.81
C PHE A 334 3.69 20.99 -13.42
N TYR A 335 3.39 21.29 -12.15
CA TYR A 335 3.66 22.59 -11.58
C TYR A 335 5.16 22.89 -11.66
N ASN A 336 5.50 24.17 -11.73
CA ASN A 336 6.88 24.61 -11.86
C ASN A 336 7.52 24.06 -13.14
N ASN A 337 6.95 24.48 -14.29
CA ASN A 337 7.48 24.27 -15.62
C ASN A 337 7.24 25.55 -16.45
N LYS A 338 7.30 25.48 -17.80
CA LYS A 338 7.13 26.64 -18.68
C LYS A 338 6.02 26.41 -19.72
N VAL A 339 4.99 25.64 -19.33
CA VAL A 339 3.89 25.29 -20.23
C VAL A 339 2.99 26.52 -20.38
N SER A 340 2.74 26.92 -21.64
CA SER A 340 1.88 28.04 -21.99
C SER A 340 0.59 27.59 -22.68
N ASP A 341 0.56 26.37 -23.21
CA ASP A 341 -0.58 25.90 -23.98
C ASP A 341 -1.01 24.52 -23.44
N VAL A 342 -2.24 24.47 -22.92
CA VAL A 342 -2.76 23.25 -22.33
C VAL A 342 -3.90 22.71 -23.20
N SER A 343 -3.93 23.12 -24.48
CA SER A 343 -4.95 22.66 -25.40
C SER A 343 -4.94 21.14 -25.53
N SER A 344 -3.77 20.50 -25.43
CA SER A 344 -3.70 19.05 -25.57
C SER A 344 -4.35 18.32 -24.39
N LEU A 345 -4.50 19.00 -23.23
CA LEU A 345 -5.05 18.34 -22.06
C LEU A 345 -6.56 18.11 -22.16
N ALA A 346 -7.24 18.77 -23.12
CA ALA A 346 -8.63 18.50 -23.42
C ALA A 346 -8.89 17.01 -23.62
N ASN A 347 -7.86 16.24 -24.03
CA ASN A 347 -7.96 14.82 -24.34
C ASN A 347 -8.06 13.91 -23.11
N LEU A 348 -7.69 14.44 -21.94
CA LEU A 348 -7.55 13.61 -20.75
C LEU A 348 -8.88 13.56 -20.02
N THR A 349 -9.88 12.90 -20.64
CA THR A 349 -11.23 12.91 -20.11
C THR A 349 -11.33 12.14 -18.77
N ASN A 350 -10.35 11.29 -18.44
CA ASN A 350 -10.34 10.57 -17.17
C ASN A 350 -9.62 11.32 -16.05
N ILE A 351 -9.10 12.53 -16.33
CA ILE A 351 -8.28 13.22 -15.35
C ILE A 351 -9.13 13.61 -14.13
N ASN A 352 -8.57 13.34 -12.96
CA ASN A 352 -9.12 13.73 -11.68
C ASN A 352 -8.28 14.80 -10.99
N TRP A 353 -6.95 14.62 -10.92
CA TRP A 353 -6.10 15.61 -10.30
C TRP A 353 -5.25 16.25 -11.39
N LEU A 354 -5.30 17.58 -11.48
CA LEU A 354 -4.53 18.31 -12.46
C LEU A 354 -3.86 19.50 -11.77
N SER A 355 -2.53 19.44 -11.72
CA SER A 355 -1.72 20.34 -10.93
C SER A 355 -0.74 21.05 -11.87
N ALA A 356 -0.97 22.36 -12.08
CA ALA A 356 -0.30 23.13 -13.12
C ALA A 356 0.02 24.56 -12.67
N GLY A 357 0.16 24.80 -11.37
CA GLY A 357 0.67 26.06 -10.85
C GLY A 357 2.07 26.36 -11.37
N HIS A 358 2.46 27.64 -11.35
CA HIS A 358 3.81 28.08 -11.71
C HIS A 358 4.19 27.55 -13.10
N ASN A 359 3.29 27.77 -14.05
CA ASN A 359 3.57 27.62 -15.46
C ASN A 359 3.37 28.99 -16.12
N GLN A 360 3.01 29.00 -17.41
CA GLN A 360 2.79 30.22 -18.17
C GLN A 360 1.39 30.17 -18.79
N ILE A 361 0.41 29.62 -18.06
CA ILE A 361 -0.91 29.38 -18.62
C ILE A 361 -1.76 30.64 -18.53
N SER A 362 -2.41 30.97 -19.65
CA SER A 362 -3.19 32.20 -19.80
C SER A 362 -4.67 31.96 -20.11
N ASP A 363 -5.02 30.73 -20.51
CA ASP A 363 -6.32 30.42 -21.11
C ASP A 363 -6.77 29.05 -20.64
N LEU A 364 -7.82 29.01 -19.81
CA LEU A 364 -8.32 27.78 -19.22
C LEU A 364 -9.38 27.10 -20.10
N THR A 365 -9.74 27.70 -21.25
CA THR A 365 -10.85 27.17 -22.01
C THR A 365 -10.63 25.73 -22.44
N PRO A 366 -9.40 25.23 -22.76
CA PRO A 366 -9.24 23.81 -23.11
C PRO A 366 -9.61 22.84 -22.00
N LEU A 367 -9.71 23.35 -20.75
CA LEU A 367 -9.95 22.52 -19.58
C LEU A 367 -11.44 22.37 -19.29
N ALA A 368 -12.31 23.02 -20.08
CA ALA A 368 -13.67 23.29 -19.65
C ALA A 368 -14.52 22.02 -19.54
N ASN A 369 -14.21 21.00 -20.35
CA ASN A 369 -14.96 19.75 -20.35
C ASN A 369 -14.36 18.67 -19.44
N LEU A 370 -13.34 18.99 -18.63
CA LEU A 370 -12.72 18.01 -17.76
C LEU A 370 -13.48 17.94 -16.43
N THR A 371 -14.72 17.47 -16.50
CA THR A 371 -15.65 17.60 -15.39
C THR A 371 -15.48 16.48 -14.35
N ARG A 372 -14.52 15.57 -14.55
CA ARG A 372 -14.21 14.57 -13.55
C ARG A 372 -13.09 15.05 -12.64
N ILE A 373 -12.60 16.28 -12.83
CA ILE A 373 -11.57 16.82 -11.94
C ILE A 373 -12.10 16.95 -10.51
N THR A 374 -11.27 16.56 -9.54
CA THR A 374 -11.58 16.67 -8.12
C THR A 374 -10.50 17.49 -7.41
N GLN A 375 -9.34 17.64 -8.05
CA GLN A 375 -8.22 18.38 -7.52
C GLN A 375 -7.59 19.20 -8.63
N LEU A 376 -7.33 20.47 -8.36
CA LEU A 376 -6.89 21.38 -9.40
C LEU A 376 -5.90 22.37 -8.81
N GLY A 377 -4.85 22.73 -9.57
CA GLY A 377 -3.93 23.79 -9.19
C GLY A 377 -3.54 24.64 -10.39
N LEU A 378 -3.75 25.97 -10.29
CA LEU A 378 -3.45 26.90 -11.38
C LEU A 378 -2.87 28.20 -10.84
N ASN A 379 -2.38 28.20 -9.59
CA ASN A 379 -1.85 29.41 -8.97
C ASN A 379 -0.49 29.80 -9.56
N ASP A 380 -0.22 31.10 -9.58
CA ASP A 380 1.11 31.68 -9.76
C ASP A 380 1.69 31.41 -11.13
N GLN A 381 0.89 31.62 -12.18
CA GLN A 381 1.41 31.66 -13.52
C GLN A 381 2.32 32.90 -13.68
N ALA A 382 3.21 32.85 -14.67
CA ALA A 382 3.96 34.04 -15.06
C ALA A 382 4.43 33.89 -16.50
N TRP A 383 4.31 34.98 -17.28
CA TRP A 383 4.83 34.99 -18.64
C TRP A 383 5.09 36.42 -19.11
N THR A 384 5.83 36.48 -20.22
CA THR A 384 6.21 37.73 -20.87
C THR A 384 5.56 37.75 -22.24
N ASN A 385 4.74 38.79 -22.50
CA ASN A 385 4.16 39.03 -23.81
C ASN A 385 5.28 39.38 -24.80
N ALA A 386 4.96 39.17 -26.08
CA ALA A 386 5.75 39.70 -27.17
C ALA A 386 5.79 41.22 -27.04
N PRO A 387 6.95 41.88 -27.31
CA PRO A 387 7.05 43.32 -27.10
C PRO A 387 6.04 44.07 -27.96
N VAL A 388 5.55 45.20 -27.43
CA VAL A 388 4.81 46.19 -28.20
C VAL A 388 5.64 47.48 -28.15
N ASN A 389 5.24 48.51 -28.92
CA ASN A 389 5.98 49.77 -29.00
C ASN A 389 5.66 50.65 -27.79
N TYR A 390 6.72 51.24 -27.20
CA TYR A 390 6.54 52.30 -26.23
C TYR A 390 5.82 53.46 -26.92
N LYS A 391 4.72 53.92 -26.32
CA LYS A 391 4.12 55.18 -26.67
C LYS A 391 3.60 55.83 -25.37
N ALA A 392 3.46 57.15 -25.42
CA ALA A 392 2.92 57.95 -24.33
C ALA A 392 1.62 57.31 -23.84
N ASN A 393 0.76 57.00 -24.82
CA ASN A 393 -0.45 56.25 -24.56
C ASN A 393 -0.34 54.89 -25.26
N VAL A 394 -0.35 53.83 -24.45
CA VAL A 394 -0.09 52.48 -24.94
C VAL A 394 -1.13 51.55 -24.30
N SER A 395 -1.81 50.77 -25.15
CA SER A 395 -2.82 49.80 -24.74
C SER A 395 -2.47 48.42 -25.26
N ILE A 396 -2.83 47.39 -24.48
CA ILE A 396 -2.70 46.02 -24.95
C ILE A 396 -4.01 45.28 -24.64
N PRO A 397 -4.34 44.21 -25.38
CA PRO A 397 -5.44 43.33 -24.98
C PRO A 397 -5.09 42.54 -23.72
N ASN A 398 -6.00 42.53 -22.76
CA ASN A 398 -6.04 41.49 -21.74
C ASN A 398 -6.22 40.14 -22.44
N THR A 399 -5.41 39.14 -22.07
CA THR A 399 -5.48 37.83 -22.70
C THR A 399 -5.75 36.73 -21.68
N VAL A 400 -6.07 37.10 -20.43
CA VAL A 400 -6.31 36.12 -19.37
C VAL A 400 -7.78 35.67 -19.46
N LYS A 401 -7.99 34.37 -19.72
CA LYS A 401 -9.30 33.84 -20.04
C LYS A 401 -9.65 32.75 -19.04
N ASN A 402 -10.79 32.91 -18.36
CA ASN A 402 -11.31 31.91 -17.44
C ASN A 402 -11.80 30.69 -18.23
N VAL A 403 -12.16 29.61 -17.52
CA VAL A 403 -12.69 28.40 -18.14
C VAL A 403 -13.98 28.71 -18.93
N THR A 404 -14.71 29.76 -18.52
CA THR A 404 -15.95 30.14 -19.18
C THR A 404 -15.72 30.81 -20.54
N GLY A 405 -14.47 31.20 -20.84
CA GLY A 405 -14.16 31.97 -22.03
C GLY A 405 -14.15 33.47 -21.76
N ALA A 406 -14.60 33.89 -20.57
CA ALA A 406 -14.62 35.29 -20.17
C ALA A 406 -13.24 35.76 -19.77
N LEU A 407 -12.91 37.01 -20.12
CA LEU A 407 -11.66 37.64 -19.70
C LEU A 407 -11.71 37.90 -18.20
N ILE A 408 -10.59 37.61 -17.52
CA ILE A 408 -10.42 37.86 -16.10
C ILE A 408 -9.80 39.24 -15.95
N ALA A 409 -10.48 40.12 -15.20
CA ALA A 409 -10.02 41.49 -15.03
C ALA A 409 -8.75 41.48 -14.19
N PRO A 410 -7.74 42.31 -14.54
CA PRO A 410 -6.54 42.46 -13.70
C PRO A 410 -6.85 42.76 -12.23
N ALA A 411 -6.05 42.16 -11.35
CA ALA A 411 -6.02 42.47 -9.92
C ALA A 411 -5.23 43.74 -9.65
N THR A 412 -4.04 43.86 -10.27
CA THR A 412 -3.19 45.03 -10.15
C THR A 412 -2.62 45.32 -11.54
N ILE A 413 -2.24 46.58 -11.77
CA ILE A 413 -1.67 47.01 -13.04
C ILE A 413 -0.56 48.01 -12.69
N SER A 414 0.65 47.80 -13.22
CA SER A 414 1.78 48.67 -12.88
C SER A 414 1.55 50.08 -13.40
N ASP A 415 2.27 51.04 -12.79
CA ASP A 415 2.47 52.36 -13.36
C ASP A 415 1.15 53.12 -13.57
N GLY A 416 0.19 52.93 -12.65
CA GLY A 416 -1.06 53.68 -12.67
C GLY A 416 -2.02 53.26 -13.78
N GLY A 417 -1.72 52.16 -14.50
CA GLY A 417 -2.54 51.72 -15.62
C GLY A 417 -3.97 51.39 -15.20
N SER A 418 -4.85 51.29 -16.20
CA SER A 418 -6.27 51.07 -15.98
C SER A 418 -6.79 50.02 -16.95
N TYR A 419 -7.97 49.48 -16.66
CA TYR A 419 -8.59 48.47 -17.49
C TYR A 419 -9.99 48.93 -17.96
N THR A 420 -10.21 48.89 -19.28
CA THR A 420 -11.57 48.92 -19.84
C THR A 420 -11.71 47.74 -20.79
N GLU A 421 -12.49 46.72 -20.36
CA GLU A 421 -12.53 45.44 -21.06
C GLU A 421 -12.72 45.71 -22.54
N PRO A 422 -11.90 45.14 -23.47
CA PRO A 422 -10.85 44.17 -23.15
C PRO A 422 -9.41 44.68 -23.00
N ASP A 423 -9.20 46.01 -22.88
CA ASP A 423 -7.86 46.59 -23.04
C ASP A 423 -7.35 47.19 -21.74
N ILE A 424 -6.03 46.98 -21.52
CA ILE A 424 -5.24 47.58 -20.44
C ILE A 424 -4.48 48.77 -21.04
N THR A 425 -4.57 49.96 -20.40
CA THR A 425 -4.01 51.19 -20.92
C THR A 425 -3.14 51.89 -19.86
N TRP A 426 -1.94 52.33 -20.30
CA TRP A 426 -1.02 53.12 -19.49
C TRP A 426 -0.82 54.49 -20.15
N ASN A 427 -0.81 55.53 -19.30
CA ASN A 427 -0.24 56.83 -19.65
C ASN A 427 1.17 56.88 -19.04
N LEU A 428 2.20 56.79 -19.90
CA LEU A 428 3.59 56.74 -19.46
C LEU A 428 4.30 58.03 -19.88
N PRO A 429 4.72 58.89 -18.92
CA PRO A 429 5.31 60.19 -19.24
C PRO A 429 6.59 60.08 -20.07
N SER A 430 7.42 59.08 -19.73
CA SER A 430 8.64 58.82 -20.48
C SER A 430 8.85 57.30 -20.64
N TYR A 431 9.82 56.95 -21.51
CA TYR A 431 10.11 55.56 -21.86
C TYR A 431 10.35 54.70 -20.63
N THR A 432 9.69 53.53 -20.58
CA THR A 432 10.07 52.47 -19.67
C THR A 432 10.15 51.16 -20.46
N ASN A 433 11.05 50.26 -20.02
CA ASN A 433 11.35 49.06 -20.77
C ASN A 433 10.24 48.02 -20.62
N GLU A 434 9.50 48.04 -19.51
CA GLU A 434 8.38 47.12 -19.35
C GLU A 434 7.32 47.72 -18.44
N VAL A 435 6.09 47.22 -18.65
CA VAL A 435 5.00 47.39 -17.72
C VAL A 435 4.46 46.00 -17.42
N SER A 436 3.50 45.91 -16.49
CA SER A 436 3.04 44.60 -16.07
C SER A 436 1.66 44.69 -15.41
N TYR A 437 1.09 43.51 -15.15
CA TYR A 437 -0.18 43.42 -14.45
C TYR A 437 -0.29 42.03 -13.82
N THR A 438 -1.17 41.93 -12.83
CA THR A 438 -1.47 40.65 -12.19
C THR A 438 -2.95 40.35 -12.33
N PHE A 439 -3.27 39.07 -12.16
CA PHE A 439 -4.65 38.62 -12.02
C PHE A 439 -4.70 37.57 -10.91
N SER A 440 -5.89 37.45 -10.31
CA SER A 440 -6.13 36.44 -9.30
C SER A 440 -7.62 36.12 -9.25
N GLN A 441 -7.99 34.89 -9.60
CA GLN A 441 -9.37 34.51 -9.80
C GLN A 441 -9.61 33.08 -9.33
N PRO A 442 -10.30 32.87 -8.19
CA PRO A 442 -10.75 31.51 -7.81
C PRO A 442 -11.57 30.89 -8.93
N VAL A 443 -11.45 29.57 -9.09
CA VAL A 443 -12.16 28.86 -10.15
C VAL A 443 -12.29 27.39 -9.72
N THR A 444 -13.43 26.80 -10.07
CA THR A 444 -13.70 25.39 -9.90
C THR A 444 -13.94 24.77 -11.27
N ILE A 445 -13.30 23.63 -11.53
CA ILE A 445 -13.58 22.81 -12.70
C ILE A 445 -13.96 21.41 -12.22
N GLY A 446 -15.18 21.00 -12.52
CA GLY A 446 -15.69 19.77 -11.95
C GLY A 446 -15.93 19.99 -10.46
N LYS A 447 -15.14 19.33 -9.61
CA LYS A 447 -15.17 19.52 -8.16
C LYS A 447 -13.82 20.05 -7.65
N GLY A 448 -12.90 20.38 -8.57
CA GLY A 448 -11.56 20.82 -8.22
C GLY A 448 -11.44 22.35 -8.23
N THR A 449 -10.95 22.89 -7.12
CA THR A 449 -10.97 24.30 -6.86
C THR A 449 -9.55 24.84 -6.68
N THR A 450 -9.28 26.00 -7.26
CA THR A 450 -7.97 26.61 -7.15
C THR A 450 -8.13 28.11 -7.29
N THR A 451 -7.00 28.81 -7.25
CA THR A 451 -6.94 30.20 -7.62
C THR A 451 -6.08 30.29 -8.87
N PHE A 452 -6.68 30.72 -9.97
CA PHE A 452 -5.94 31.00 -11.20
C PHE A 452 -5.38 32.42 -11.09
N SER A 453 -4.06 32.50 -10.85
CA SER A 453 -3.40 33.76 -10.57
C SER A 453 -2.11 33.84 -11.38
N GLY A 454 -1.60 35.04 -11.58
CA GLY A 454 -0.41 35.16 -12.38
C GLY A 454 0.08 36.59 -12.52
N THR A 455 1.29 36.71 -13.07
CA THR A 455 1.96 37.98 -13.35
C THR A 455 2.39 38.03 -14.81
N VAL A 456 1.90 39.05 -15.53
CA VAL A 456 2.17 39.22 -16.94
C VAL A 456 3.06 40.44 -17.14
N THR A 457 4.19 40.23 -17.83
CA THR A 457 5.13 41.29 -18.16
C THR A 457 4.99 41.65 -19.63
N GLN A 458 4.91 42.95 -19.92
CA GLN A 458 4.78 43.47 -21.26
C GLN A 458 5.99 44.33 -21.59
N PRO A 459 7.03 43.80 -22.31
CA PRO A 459 8.16 44.63 -22.74
C PRO A 459 7.70 45.71 -23.70
N LEU A 460 8.33 46.89 -23.64
CA LEU A 460 8.03 48.00 -24.52
C LEU A 460 9.28 48.34 -25.34
N LYS A 461 9.16 48.45 -26.67
CA LYS A 461 10.28 48.77 -27.54
C LYS A 461 10.44 50.29 -27.64
N ALA A 462 11.71 50.74 -27.62
CA ALA A 462 12.09 52.14 -27.64
C ALA A 462 11.60 52.86 -28.90
N ASP B 1 -1.59 22.16 -2.64
CA ASP B 1 -2.18 21.00 -3.38
C ASP B 1 -1.49 19.70 -2.97
N TRP B 2 -2.32 18.67 -2.76
CA TRP B 2 -1.86 17.33 -2.42
C TRP B 2 -1.25 16.69 -3.66
N VAL B 3 -0.22 15.87 -3.40
CA VAL B 3 0.46 15.06 -4.40
C VAL B 3 0.52 13.65 -3.82
N ILE B 4 -0.48 12.85 -4.23
CA ILE B 4 -0.65 11.50 -3.71
C ILE B 4 -1.06 10.56 -4.83
N PRO B 5 -0.45 9.36 -4.91
CA PRO B 5 -0.89 8.33 -5.85
C PRO B 5 -2.05 7.53 -5.27
N PRO B 6 -2.89 6.90 -6.13
CA PRO B 6 -3.95 6.01 -5.64
C PRO B 6 -3.34 4.81 -4.91
N ILE B 7 -4.07 4.28 -3.92
CA ILE B 7 -3.52 3.29 -3.00
C ILE B 7 -4.34 2.00 -3.11
N SER B 8 -3.70 0.95 -3.59
CA SER B 8 -4.24 -0.40 -3.62
C SER B 8 -3.25 -1.34 -2.92
N SER B 9 -3.76 -2.27 -2.12
CA SER B 9 -2.91 -3.28 -1.53
C SER B 9 -3.59 -4.65 -1.59
N PRO B 10 -2.89 -5.72 -2.00
CA PRO B 10 -3.40 -7.09 -1.79
C PRO B 10 -3.55 -7.39 -0.31
N GLU B 11 -4.49 -8.27 0.04
CA GLU B 11 -4.53 -8.82 1.37
C GLU B 11 -3.39 -9.82 1.55
N ASN B 12 -3.08 -10.15 2.81
CA ASN B 12 -2.17 -11.22 3.18
C ASN B 12 -0.76 -10.94 2.66
N GLU B 13 -0.36 -9.66 2.56
CA GLU B 13 0.97 -9.31 2.11
C GLU B 13 2.01 -9.95 3.04
N LYS B 14 3.13 -10.37 2.44
CA LYS B 14 4.26 -10.90 3.17
C LYS B 14 5.02 -9.76 3.85
N GLY B 15 5.63 -10.04 5.00
CA GLY B 15 6.53 -9.09 5.65
C GLY B 15 7.88 -9.00 4.92
N PRO B 16 8.86 -8.25 5.48
CA PRO B 16 8.75 -7.65 6.80
C PRO B 16 7.79 -6.45 6.85
N PHE B 17 7.02 -6.36 7.94
CA PHE B 17 6.20 -5.19 8.23
C PHE B 17 6.99 -4.21 9.11
N PRO B 18 6.72 -2.89 9.03
CA PRO B 18 5.73 -2.31 8.12
C PRO B 18 6.17 -2.18 6.65
N LYS B 19 5.18 -1.99 5.77
CA LYS B 19 5.42 -1.83 4.34
C LYS B 19 5.04 -0.43 3.89
N ASN B 20 5.88 0.16 3.04
CA ASN B 20 5.64 1.44 2.40
C ASN B 20 4.51 1.30 1.38
N LEU B 21 3.53 2.20 1.40
CA LEU B 21 2.50 2.23 0.38
C LEU B 21 2.83 3.34 -0.61
N VAL B 22 2.69 4.60 -0.19
CA VAL B 22 2.94 5.74 -1.05
C VAL B 22 3.46 6.85 -0.17
N GLN B 23 4.13 7.79 -0.82
CA GLN B 23 4.51 9.05 -0.22
C GLN B 23 3.35 10.05 -0.33
N ILE B 24 3.11 10.75 0.78
CA ILE B 24 2.11 11.78 0.83
C ILE B 24 2.82 13.12 0.99
N LYS B 25 2.38 14.10 0.22
CA LYS B 25 3.09 15.34 0.02
C LYS B 25 2.07 16.45 -0.24
N SER B 26 2.33 17.65 0.31
CA SER B 26 1.73 18.89 -0.13
C SER B 26 2.79 19.69 -0.89
N ASN B 27 2.40 20.30 -2.01
CA ASN B 27 3.30 21.18 -2.74
C ASN B 27 3.44 22.54 -2.03
N LYS B 28 2.85 22.69 -0.84
CA LYS B 28 3.11 23.89 -0.05
C LYS B 28 4.29 23.70 0.91
N ASP B 29 4.91 22.52 0.90
CA ASP B 29 6.11 22.22 1.67
C ASP B 29 7.28 23.08 1.18
N LYS B 30 7.15 23.70 0.01
CA LYS B 30 8.16 24.63 -0.49
C LYS B 30 8.12 25.96 0.25
N GLU B 31 6.97 26.31 0.86
CA GLU B 31 6.83 27.57 1.58
C GLU B 31 7.27 27.40 3.05
N GLY B 32 7.35 26.15 3.55
CA GLY B 32 7.83 25.90 4.91
C GLY B 32 7.80 24.42 5.30
N LYS B 33 7.95 24.13 6.60
CA LYS B 33 8.03 22.76 7.10
C LYS B 33 6.66 22.22 7.53
N VAL B 34 6.31 21.02 7.02
CA VAL B 34 4.96 20.52 7.12
C VAL B 34 4.93 19.21 7.94
N PHE B 35 4.07 19.19 8.95
CA PHE B 35 3.70 18.00 9.70
C PHE B 35 2.53 17.28 9.01
N TYR B 36 2.72 16.00 8.63
CA TYR B 36 1.66 15.20 7.99
C TYR B 36 1.07 14.21 9.01
N SER B 37 -0.23 13.93 8.88
CA SER B 37 -0.91 12.97 9.72
C SER B 37 -2.12 12.38 8.99
N ILE B 38 -2.63 11.25 9.52
CA ILE B 38 -3.79 10.59 8.94
C ILE B 38 -4.83 10.32 10.01
N THR B 39 -6.10 10.49 9.60
CA THR B 39 -7.22 10.11 10.43
C THR B 39 -8.07 9.08 9.69
N GLY B 40 -8.94 8.41 10.44
CA GLY B 40 -9.95 7.55 9.89
C GLY B 40 -9.82 6.12 10.40
N GLN B 41 -10.78 5.27 10.04
CA GLN B 41 -10.81 3.89 10.50
C GLN B 41 -9.60 3.16 9.92
N GLY B 42 -8.78 2.57 10.81
CA GLY B 42 -7.51 2.00 10.40
C GLY B 42 -6.33 2.92 10.69
N ALA B 43 -6.62 4.18 11.04
CA ALA B 43 -5.61 5.17 11.39
C ALA B 43 -5.80 5.57 12.85
N ASP B 44 -6.71 6.52 13.12
CA ASP B 44 -6.86 6.97 14.50
C ASP B 44 -8.13 6.44 15.15
N THR B 45 -8.99 5.72 14.41
CA THR B 45 -10.11 5.02 15.01
C THR B 45 -10.03 3.53 14.64
N PRO B 46 -10.70 2.65 15.41
CA PRO B 46 -10.51 1.20 15.27
C PRO B 46 -10.62 0.66 13.85
N PRO B 47 -9.69 -0.23 13.39
CA PRO B 47 -8.53 -0.64 14.19
C PRO B 47 -7.39 0.36 14.07
N VAL B 48 -6.90 0.87 15.21
CA VAL B 48 -6.00 2.01 15.18
C VAL B 48 -4.63 1.57 14.70
N GLY B 49 -3.99 2.38 13.86
CA GLY B 49 -2.59 2.19 13.54
C GLY B 49 -2.30 1.00 12.60
N VAL B 50 -3.31 0.51 11.88
CA VAL B 50 -3.07 -0.38 10.75
C VAL B 50 -2.27 0.41 9.71
N PHE B 51 -2.67 1.68 9.49
CA PHE B 51 -1.96 2.63 8.66
C PHE B 51 -1.36 3.75 9.52
N ILE B 52 -0.11 4.11 9.19
CA ILE B 52 0.63 5.15 9.89
C ILE B 52 1.41 5.96 8.87
N ILE B 53 1.82 7.18 9.25
CA ILE B 53 2.59 8.03 8.38
C ILE B 53 3.88 8.43 9.11
N GLU B 54 5.01 8.40 8.38
CA GLU B 54 6.26 9.06 8.77
CA GLU B 54 6.21 9.06 8.88
C GLU B 54 6.04 10.57 8.67
N ARG B 55 6.45 11.31 9.71
CA ARG B 55 5.98 12.66 10.01
C ARG B 55 6.34 13.72 8.96
N GLU B 56 7.58 13.62 8.45
CA GLU B 56 8.20 14.65 7.64
C GLU B 56 8.25 14.21 6.18
N THR B 57 8.53 12.92 5.91
CA THR B 57 8.61 12.36 4.56
C THR B 57 7.22 12.33 3.91
N GLY B 58 6.21 12.04 4.75
CA GLY B 58 4.87 11.74 4.29
C GLY B 58 4.74 10.29 3.83
N TRP B 59 5.73 9.41 4.10
CA TRP B 59 5.57 7.99 3.77
C TRP B 59 4.45 7.31 4.57
N LEU B 60 3.41 6.88 3.85
CA LEU B 60 2.30 6.14 4.44
C LEU B 60 2.64 4.64 4.39
N LYS B 61 2.48 3.99 5.56
CA LYS B 61 2.84 2.58 5.73
C LYS B 61 1.67 1.79 6.29
N VAL B 62 1.73 0.47 6.08
CA VAL B 62 0.78 -0.47 6.66
C VAL B 62 1.59 -1.38 7.59
N THR B 63 1.06 -1.60 8.80
CA THR B 63 1.82 -2.19 9.89
C THR B 63 1.55 -3.68 10.06
N GLU B 64 0.49 -4.18 9.40
CA GLU B 64 0.11 -5.57 9.50
C GLU B 64 -0.61 -6.01 8.24
N PRO B 65 -0.70 -7.34 7.97
CA PRO B 65 -1.46 -7.82 6.82
C PRO B 65 -2.94 -7.46 6.88
N LEU B 66 -3.52 -7.25 5.70
CA LEU B 66 -4.92 -6.90 5.55
C LEU B 66 -5.73 -8.17 5.22
N ASP B 67 -7.04 -8.06 5.39
CA ASP B 67 -7.96 -9.16 5.10
C ASP B 67 -9.18 -8.55 4.43
N ARG B 68 -9.28 -8.74 3.11
CA ARG B 68 -10.35 -8.16 2.33
C ARG B 68 -11.72 -8.60 2.82
N GLU B 69 -11.82 -9.81 3.38
CA GLU B 69 -13.12 -10.32 3.84
C GLU B 69 -13.54 -9.70 5.17
N ARG B 70 -12.63 -9.00 5.88
CA ARG B 70 -13.03 -8.25 7.06
C ARG B 70 -13.25 -6.78 6.72
N ILE B 71 -12.25 -6.15 6.09
CA ILE B 71 -12.40 -4.79 5.63
C ILE B 71 -11.84 -4.72 4.22
N ALA B 72 -12.68 -4.37 3.24
CA ALA B 72 -12.32 -4.41 1.84
C ALA B 72 -11.77 -3.06 1.36
N THR B 73 -12.19 -1.97 2.00
CA THR B 73 -11.64 -0.65 1.70
C THR B 73 -11.58 0.15 3.00
N TYR B 74 -10.60 1.03 3.11
CA TYR B 74 -10.51 1.98 4.20
C TYR B 74 -10.65 3.39 3.63
N THR B 75 -11.28 4.29 4.37
CA THR B 75 -11.32 5.70 3.97
C THR B 75 -10.54 6.51 5.00
N LEU B 76 -9.35 6.97 4.60
CA LEU B 76 -8.50 7.81 5.44
C LEU B 76 -8.55 9.24 4.93
N PHE B 77 -8.10 10.14 5.82
CA PHE B 77 -7.90 11.53 5.49
C PHE B 77 -6.48 11.93 5.84
N SER B 78 -5.77 12.57 4.91
CA SER B 78 -4.47 13.16 5.18
C SER B 78 -4.61 14.63 5.59
N HIS B 79 -3.73 15.05 6.50
CA HIS B 79 -3.67 16.40 7.05
C HIS B 79 -2.26 16.95 6.89
N ALA B 80 -2.16 18.27 6.69
CA ALA B 80 -0.91 18.97 6.50
C ALA B 80 -0.93 20.25 7.34
N VAL B 81 0.03 20.38 8.26
CA VAL B 81 0.03 21.46 9.23
C VAL B 81 1.44 22.05 9.28
N SER B 82 1.57 23.38 9.23
CA SER B 82 2.88 24.03 9.26
C SER B 82 3.52 23.92 10.64
N SER B 83 4.82 24.20 10.70
CA SER B 83 5.56 24.23 11.95
C SER B 83 4.97 25.23 12.94
N ASN B 84 4.17 26.19 12.47
CA ASN B 84 3.58 27.18 13.35
C ASN B 84 2.21 26.72 13.86
N GLY B 85 1.67 25.61 13.32
CA GLY B 85 0.47 24.99 13.86
C GLY B 85 -0.81 25.26 13.06
N ASN B 86 -0.71 25.85 11.87
CA ASN B 86 -1.88 26.08 11.03
C ASN B 86 -1.95 25.05 9.91
N ALA B 87 -3.14 24.50 9.67
CA ALA B 87 -3.38 23.66 8.51
C ALA B 87 -3.03 24.46 7.24
N VAL B 88 -2.30 23.81 6.33
CA VAL B 88 -1.92 24.40 5.05
C VAL B 88 -2.62 23.69 3.88
N GLU B 89 -3.40 22.63 4.15
CA GLU B 89 -4.29 22.04 3.16
C GLU B 89 -5.61 21.71 3.87
N ASP B 90 -6.71 21.60 3.10
CA ASP B 90 -7.88 20.91 3.63
C ASP B 90 -7.59 19.41 3.65
N PRO B 91 -8.10 18.65 4.64
CA PRO B 91 -7.93 17.19 4.67
C PRO B 91 -8.31 16.54 3.34
N MET B 92 -7.48 15.60 2.89
CA MET B 92 -7.74 14.91 1.61
C MET B 92 -8.23 13.49 1.92
N GLU B 93 -9.38 13.14 1.32
CA GLU B 93 -9.92 11.81 1.45
C GLU B 93 -9.03 10.86 0.65
N ILE B 94 -8.59 9.76 1.29
CA ILE B 94 -7.76 8.76 0.61
C ILE B 94 -8.45 7.41 0.77
N LEU B 95 -8.81 6.79 -0.37
CA LEU B 95 -9.42 5.46 -0.37
C LEU B 95 -8.30 4.42 -0.49
N ILE B 96 -8.30 3.42 0.41
CA ILE B 96 -7.36 2.32 0.31
C ILE B 96 -8.13 1.06 -0.04
N THR B 97 -7.89 0.52 -1.23
CA THR B 97 -8.58 -0.65 -1.73
C THR B 97 -7.75 -1.89 -1.40
N VAL B 98 -8.40 -2.88 -0.75
CA VAL B 98 -7.75 -4.17 -0.48
C VAL B 98 -8.18 -5.19 -1.55
N THR B 99 -7.21 -5.71 -2.31
CA THR B 99 -7.47 -6.64 -3.40
C THR B 99 -7.34 -8.10 -2.95
N ASP B 100 -8.07 -8.97 -3.64
CA ASP B 100 -8.36 -10.32 -3.18
C ASP B 100 -7.22 -11.29 -3.47
N GLN B 101 -7.02 -12.21 -2.51
CA GLN B 101 -6.30 -13.45 -2.74
C GLN B 101 -7.27 -14.60 -2.48
N ASN B 102 -7.01 -15.77 -3.09
CA ASN B 102 -7.86 -16.94 -2.86
C ASN B 102 -7.53 -17.54 -1.49
N ASP B 103 -8.20 -17.10 -0.42
CA ASP B 103 -7.77 -17.58 0.88
C ASP B 103 -8.95 -18.17 1.64
N ASN B 104 -10.11 -18.30 0.98
CA ASN B 104 -11.28 -18.92 1.57
C ASN B 104 -11.65 -20.13 0.72
N LYS B 105 -11.73 -21.27 1.40
CA LYS B 105 -12.29 -22.47 0.80
C LYS B 105 -13.79 -22.27 0.66
N PRO B 106 -14.43 -22.89 -0.35
CA PRO B 106 -15.88 -22.97 -0.43
C PRO B 106 -16.44 -23.54 0.87
N GLU B 107 -17.69 -23.14 1.14
CA GLU B 107 -18.40 -23.56 2.33
C GLU B 107 -19.79 -24.01 1.91
N PHE B 108 -20.11 -25.27 2.18
CA PHE B 108 -21.43 -25.81 1.88
C PHE B 108 -22.41 -25.16 2.85
N THR B 109 -23.62 -24.86 2.37
CA THR B 109 -24.69 -24.31 3.20
C THR B 109 -25.10 -25.31 4.28
N GLN B 110 -24.93 -26.61 4.01
CA GLN B 110 -25.20 -27.66 4.99
C GLN B 110 -24.02 -28.64 4.95
N GLU B 111 -23.79 -29.34 6.07
CA GLU B 111 -22.80 -30.41 6.07
C GLU B 111 -23.42 -31.69 5.50
N VAL B 112 -24.74 -31.86 5.72
CA VAL B 112 -25.48 -33.01 5.20
C VAL B 112 -26.72 -32.50 4.46
N PHE B 113 -26.76 -32.72 3.16
CA PHE B 113 -27.95 -32.46 2.37
C PHE B 113 -28.75 -33.77 2.28
N LYS B 114 -30.08 -33.65 2.25
CA LYS B 114 -30.95 -34.80 2.15
C LYS B 114 -31.77 -34.68 0.88
N GLY B 115 -32.00 -35.84 0.26
CA GLY B 115 -32.83 -35.92 -0.92
C GLY B 115 -33.48 -37.30 -0.98
N SER B 116 -34.41 -37.45 -1.92
CA SER B 116 -35.00 -38.76 -2.13
C SER B 116 -35.27 -38.97 -3.61
N VAL B 117 -35.37 -40.25 -4.00
CA VAL B 117 -35.58 -40.65 -5.38
C VAL B 117 -36.40 -41.93 -5.41
N MET B 118 -37.33 -41.96 -6.37
CA MET B 118 -38.24 -43.07 -6.59
C MET B 118 -37.54 -44.17 -7.39
N GLU B 119 -37.70 -45.44 -6.99
CA GLU B 119 -37.29 -46.57 -7.82
C GLU B 119 -37.74 -46.35 -9.25
N GLY B 120 -36.86 -46.64 -10.22
CA GLY B 120 -37.28 -46.58 -11.61
C GLY B 120 -37.56 -45.15 -12.08
N ALA B 121 -37.10 -44.16 -11.31
CA ALA B 121 -36.94 -42.81 -11.84
C ALA B 121 -36.14 -42.91 -13.13
N LEU B 122 -36.58 -42.18 -14.16
CA LEU B 122 -35.91 -42.26 -15.45
C LEU B 122 -34.52 -41.64 -15.32
N PRO B 123 -33.49 -42.24 -15.95
CA PRO B 123 -32.17 -41.61 -16.07
C PRO B 123 -32.31 -40.19 -16.60
N GLY B 124 -31.70 -39.24 -15.90
CA GLY B 124 -31.83 -37.83 -16.22
C GLY B 124 -32.72 -37.08 -15.22
N THR B 125 -33.40 -37.81 -14.32
CA THR B 125 -34.26 -37.21 -13.32
C THR B 125 -33.45 -36.47 -12.25
N SER B 126 -33.69 -35.17 -12.11
CA SER B 126 -33.14 -34.38 -11.01
C SER B 126 -33.66 -34.89 -9.66
N VAL B 127 -32.74 -35.16 -8.71
CA VAL B 127 -33.06 -35.70 -7.39
C VAL B 127 -33.02 -34.59 -6.32
N MET B 128 -31.92 -33.82 -6.28
CA MET B 128 -31.67 -32.87 -5.19
C MET B 128 -30.61 -31.85 -5.62
N GLU B 129 -30.32 -30.90 -4.72
CA GLU B 129 -29.33 -29.90 -5.04
C GLU B 129 -28.46 -29.65 -3.82
N VAL B 130 -27.15 -29.52 -4.06
CA VAL B 130 -26.20 -29.11 -3.04
C VAL B 130 -25.64 -27.76 -3.44
N THR B 131 -25.21 -26.98 -2.43
CA THR B 131 -24.88 -25.58 -2.63
C THR B 131 -23.72 -25.19 -1.73
N ALA B 132 -22.68 -24.57 -2.33
CA ALA B 132 -21.60 -23.99 -1.57
C ALA B 132 -21.48 -22.50 -1.93
N THR B 133 -20.99 -21.72 -0.97
CA THR B 133 -20.64 -20.32 -1.16
C THR B 133 -19.13 -20.17 -0.96
N ASP B 134 -18.59 -19.03 -1.42
CA ASP B 134 -17.18 -18.73 -1.31
C ASP B 134 -17.02 -17.23 -1.00
N ALA B 135 -16.33 -16.92 0.10
CA ALA B 135 -16.21 -15.57 0.65
C ALA B 135 -15.24 -14.69 -0.15
N ASP B 136 -14.53 -15.28 -1.12
CA ASP B 136 -13.57 -14.54 -1.91
C ASP B 136 -14.30 -13.73 -2.99
N ASP B 137 -13.55 -13.00 -3.80
CA ASP B 137 -14.07 -11.93 -4.64
C ASP B 137 -14.62 -12.50 -5.94
N ASP B 138 -15.95 -12.58 -6.03
CA ASP B 138 -16.61 -13.21 -7.18
CA ASP B 138 -16.70 -13.16 -7.14
C ASP B 138 -16.78 -12.20 -8.32
N VAL B 139 -16.32 -10.95 -8.14
CA VAL B 139 -16.51 -9.90 -9.13
C VAL B 139 -15.28 -9.81 -10.04
N ASN B 140 -14.07 -9.87 -9.44
CA ASN B 140 -12.83 -9.55 -10.16
C ASN B 140 -11.94 -10.78 -10.38
N THR B 141 -12.32 -11.92 -9.79
CA THR B 141 -11.48 -13.10 -9.82
C THR B 141 -12.36 -14.34 -10.00
N TYR B 142 -11.71 -15.48 -10.21
CA TYR B 142 -12.36 -16.78 -10.17
C TYR B 142 -12.20 -17.44 -8.78
N ASN B 143 -11.90 -16.65 -7.74
CA ASN B 143 -11.55 -17.20 -6.42
C ASN B 143 -12.79 -17.77 -5.71
N ALA B 144 -13.98 -17.43 -6.24
CA ALA B 144 -15.25 -17.91 -5.70
C ALA B 144 -16.08 -18.67 -6.74
N ALA B 145 -15.45 -19.07 -7.86
CA ALA B 145 -16.11 -19.80 -8.94
C ALA B 145 -16.02 -21.30 -8.69
N ILE B 146 -17.16 -21.89 -8.28
CA ILE B 146 -17.19 -23.22 -7.70
C ILE B 146 -17.58 -24.24 -8.77
N ALA B 147 -16.80 -25.31 -8.87
CA ALA B 147 -17.21 -26.53 -9.55
C ALA B 147 -17.52 -27.63 -8.53
N TYR B 148 -18.62 -28.36 -8.79
CA TYR B 148 -19.11 -29.44 -7.94
C TYR B 148 -18.74 -30.79 -8.56
N THR B 149 -18.21 -31.69 -7.74
CA THR B 149 -17.99 -33.07 -8.16
C THR B 149 -18.49 -34.03 -7.07
N ILE B 150 -18.67 -35.31 -7.46
CA ILE B 150 -18.91 -36.39 -6.51
C ILE B 150 -17.61 -37.17 -6.35
N LEU B 151 -17.22 -37.44 -5.09
CA LEU B 151 -15.98 -38.15 -4.82
C LEU B 151 -16.26 -39.63 -4.59
N SER B 152 -17.43 -39.97 -4.01
CA SER B 152 -17.67 -41.35 -3.64
C SER B 152 -19.17 -41.58 -3.49
N GLN B 153 -19.57 -42.86 -3.61
CA GLN B 153 -20.93 -43.30 -3.35
C GLN B 153 -20.89 -44.56 -2.47
N ASP B 154 -21.75 -44.59 -1.45
CA ASP B 154 -21.86 -45.71 -0.53
C ASP B 154 -23.35 -46.05 -0.36
N PRO B 155 -23.85 -47.26 -0.72
CA PRO B 155 -23.04 -48.32 -1.33
C PRO B 155 -22.78 -48.11 -2.83
N GLU B 156 -21.86 -48.92 -3.39
CA GLU B 156 -21.51 -48.92 -4.80
C GLU B 156 -22.37 -49.93 -5.58
N LEU B 157 -23.63 -50.11 -5.15
CA LEU B 157 -24.52 -51.11 -5.72
C LEU B 157 -25.88 -50.47 -6.03
N PRO B 158 -26.55 -50.87 -7.13
CA PRO B 158 -26.03 -51.88 -8.07
C PRO B 158 -24.92 -51.46 -9.03
N ASP B 159 -24.66 -50.14 -9.14
CA ASP B 159 -23.61 -49.56 -9.97
C ASP B 159 -22.88 -48.53 -9.10
N LYS B 160 -21.61 -48.27 -9.45
CA LYS B 160 -20.72 -47.34 -8.77
C LYS B 160 -21.22 -45.89 -8.92
N ASN B 161 -21.89 -45.62 -10.04
CA ASN B 161 -22.21 -44.24 -10.39
C ASN B 161 -23.69 -44.13 -10.71
N MET B 162 -24.51 -44.29 -9.65
CA MET B 162 -25.95 -44.23 -9.78
C MET B 162 -26.38 -42.80 -10.13
N PHE B 163 -25.54 -41.82 -9.75
CA PHE B 163 -25.90 -40.41 -9.81
C PHE B 163 -24.78 -39.63 -10.48
N THR B 164 -25.13 -38.45 -10.99
CA THR B 164 -24.13 -37.49 -11.42
C THR B 164 -24.48 -36.13 -10.82
N ILE B 165 -23.54 -35.20 -10.86
CA ILE B 165 -23.79 -33.85 -10.39
C ILE B 165 -23.47 -32.88 -11.53
N ASN B 166 -24.27 -31.82 -11.61
CA ASN B 166 -24.03 -30.73 -12.54
C ASN B 166 -22.90 -29.88 -11.97
N ARG B 167 -21.80 -29.75 -12.72
CA ARG B 167 -20.60 -29.21 -12.10
C ARG B 167 -20.77 -27.72 -11.78
N ASN B 168 -21.73 -27.05 -12.45
CA ASN B 168 -22.00 -25.63 -12.24
C ASN B 168 -23.08 -25.38 -11.19
N THR B 169 -24.12 -26.22 -11.11
CA THR B 169 -25.33 -25.87 -10.37
C THR B 169 -25.45 -26.69 -9.10
N GLY B 170 -24.70 -27.81 -9.01
CA GLY B 170 -24.78 -28.67 -7.85
C GLY B 170 -26.03 -29.56 -7.82
N VAL B 171 -26.80 -29.56 -8.92
CA VAL B 171 -27.95 -30.44 -9.04
C VAL B 171 -27.47 -31.87 -9.30
N ILE B 172 -28.00 -32.78 -8.48
CA ILE B 172 -27.68 -34.21 -8.53
C ILE B 172 -28.83 -34.93 -9.24
N SER B 173 -28.48 -35.69 -10.30
CA SER B 173 -29.45 -36.41 -11.12
C SER B 173 -29.16 -37.92 -11.08
N VAL B 174 -30.20 -38.77 -11.21
CA VAL B 174 -30.04 -40.22 -11.46
C VAL B 174 -29.54 -40.39 -12.89
N VAL B 175 -28.56 -41.27 -13.11
CA VAL B 175 -28.03 -41.45 -14.45
C VAL B 175 -27.97 -42.92 -14.85
N THR B 176 -28.41 -43.83 -13.97
CA THR B 176 -28.48 -45.23 -14.33
C THR B 176 -29.71 -45.84 -13.69
N THR B 177 -29.90 -47.12 -14.01
CA THR B 177 -31.09 -47.88 -13.66
C THR B 177 -30.83 -48.84 -12.51
N GLY B 178 -31.91 -49.36 -11.92
CA GLY B 178 -31.79 -50.47 -11.00
C GLY B 178 -31.84 -50.06 -9.53
N LEU B 179 -32.39 -48.89 -9.24
CA LEU B 179 -32.64 -48.51 -7.85
C LEU B 179 -33.55 -49.58 -7.24
N ASP B 180 -33.21 -49.96 -6.01
CA ASP B 180 -33.98 -50.96 -5.29
C ASP B 180 -33.97 -50.66 -3.78
N ARG B 181 -35.07 -50.07 -3.30
CA ARG B 181 -35.27 -49.71 -1.89
C ARG B 181 -34.97 -50.88 -0.97
N GLU B 182 -35.51 -52.07 -1.31
CA GLU B 182 -35.45 -53.24 -0.44
C GLU B 182 -34.00 -53.65 -0.20
N SER B 183 -33.15 -53.52 -1.22
CA SER B 183 -31.75 -53.92 -1.14
C SER B 183 -30.87 -52.77 -0.69
N PHE B 184 -31.01 -51.59 -1.31
CA PHE B 184 -30.17 -50.44 -0.98
C PHE B 184 -31.09 -49.26 -0.73
N PRO B 185 -31.58 -49.04 0.52
CA PRO B 185 -32.52 -47.96 0.81
C PRO B 185 -31.89 -46.56 0.76
N THR B 186 -30.58 -46.46 0.96
CA THR B 186 -29.98 -45.12 1.00
C THR B 186 -28.59 -45.10 0.40
N TYR B 187 -28.25 -43.95 -0.23
CA TYR B 187 -26.95 -43.72 -0.85
C TYR B 187 -26.31 -42.51 -0.14
N THR B 188 -25.06 -42.69 0.32
CA THR B 188 -24.30 -41.60 0.91
C THR B 188 -23.22 -41.19 -0.07
N LEU B 189 -23.38 -39.96 -0.61
CA LEU B 189 -22.44 -39.37 -1.55
C LEU B 189 -21.56 -38.38 -0.81
N VAL B 190 -20.27 -38.40 -1.11
CA VAL B 190 -19.42 -37.28 -0.70
C VAL B 190 -19.31 -36.36 -1.92
N VAL B 191 -19.70 -35.08 -1.73
CA VAL B 191 -19.65 -34.07 -2.76
C VAL B 191 -18.53 -33.09 -2.42
N GLN B 192 -17.90 -32.53 -3.47
CA GLN B 192 -16.79 -31.59 -3.34
C GLN B 192 -17.16 -30.33 -4.10
N ALA B 193 -16.85 -29.18 -3.46
CA ALA B 193 -16.94 -27.88 -4.07
C ALA B 193 -15.52 -27.31 -4.09
N ALA B 194 -15.07 -26.89 -5.26
CA ALA B 194 -13.72 -26.38 -5.42
C ALA B 194 -13.80 -25.09 -6.23
N ASP B 195 -13.14 -24.04 -5.75
CA ASP B 195 -13.05 -22.77 -6.44
C ASP B 195 -12.03 -22.83 -7.57
N LEU B 196 -11.68 -21.68 -8.15
CA LEU B 196 -10.93 -21.56 -9.40
C LEU B 196 -11.46 -22.58 -10.41
N GLN B 197 -12.80 -22.58 -10.56
CA GLN B 197 -13.51 -23.36 -11.56
C GLN B 197 -13.14 -24.84 -11.44
N GLY B 198 -12.93 -25.28 -10.19
CA GLY B 198 -12.70 -26.69 -9.89
C GLY B 198 -11.25 -26.98 -9.54
N GLU B 199 -10.34 -26.06 -9.91
CA GLU B 199 -8.91 -26.27 -9.82
C GLU B 199 -8.32 -25.79 -8.50
N GLY B 200 -9.10 -25.10 -7.65
CA GLY B 200 -8.53 -24.40 -6.52
C GLY B 200 -8.77 -25.08 -5.17
N LEU B 201 -9.03 -24.26 -4.14
CA LEU B 201 -9.29 -24.72 -2.80
C LEU B 201 -10.60 -25.53 -2.79
N SER B 202 -10.68 -26.53 -1.89
CA SER B 202 -11.81 -27.42 -1.92
C SER B 202 -12.29 -27.79 -0.52
N THR B 203 -13.56 -28.20 -0.50
CA THR B 203 -14.28 -28.58 0.69
C THR B 203 -15.18 -29.75 0.29
N THR B 204 -15.52 -30.61 1.25
CA THR B 204 -16.42 -31.74 0.98
C THR B 204 -17.56 -31.75 1.99
N ALA B 205 -18.73 -32.23 1.54
CA ALA B 205 -19.89 -32.46 2.38
C ALA B 205 -20.58 -33.74 1.91
N THR B 206 -21.70 -34.08 2.57
CA THR B 206 -22.40 -35.33 2.37
C THR B 206 -23.79 -35.04 1.81
N ALA B 207 -24.23 -35.85 0.82
CA ALA B 207 -25.62 -35.85 0.36
C ALA B 207 -26.18 -37.24 0.62
N VAL B 208 -27.32 -37.33 1.32
CA VAL B 208 -27.90 -38.60 1.71
C VAL B 208 -29.22 -38.74 0.97
N ILE B 209 -29.31 -39.75 0.09
CA ILE B 209 -30.44 -39.91 -0.81
C ILE B 209 -31.21 -41.15 -0.34
N THR B 210 -32.51 -40.97 -0.08
CA THR B 210 -33.35 -42.10 0.28
C THR B 210 -34.08 -42.58 -0.97
N VAL B 211 -34.07 -43.91 -1.18
CA VAL B 211 -34.78 -44.55 -2.27
C VAL B 211 -36.20 -44.87 -1.81
N THR B 212 -37.20 -44.30 -2.49
CA THR B 212 -38.59 -44.50 -2.14
C THR B 212 -39.24 -45.46 -3.12
N ASP B 213 -40.34 -46.10 -2.70
CA ASP B 213 -41.25 -46.78 -3.60
C ASP B 213 -42.10 -45.71 -4.31
CA CA C . -6.59 23.14 -5.55
CA CA D . -12.02 -19.23 -2.59
CA CA E . -9.87 -13.44 -0.13
CA CA F . -8.87 -12.88 3.67
C ACT G . -1.88 6.36 16.04
O ACT G . -3.07 6.43 16.43
OXT ACT G . -1.06 7.29 16.18
CH3 ACT G . -1.40 5.09 15.34
#